data_7BDU
#
_entry.id   7BDU
#
_cell.length_a   91.821
_cell.length_b   129.800
_cell.length_c   173.372
_cell.angle_alpha   90.000
_cell.angle_beta   90.000
_cell.angle_gamma   90.000
#
_symmetry.space_group_name_H-M   'I 2 2 2'
#
loop_
_entity.id
_entity.type
_entity.pdbx_description
1 polymer 'Collagen-binding protein'
2 polymer '21er collagen model peptide'
3 water water
#
loop_
_entity_poly.entity_id
_entity_poly.type
_entity_poly.pdbx_seq_one_letter_code
_entity_poly.pdbx_strand_id
1 'polypeptide(L)'
;MLSPKAATLAERSAGLAFSLYQAMAKDQAVENILLSPVVVASSLGLVSLGGKATTASQAKAVLSAEQLRDEEVHAGLGEL
LRSLSNSTARNVTWKLGSRLYGPSSVSFAEDFVRSSKQHYNCEHSKINFRDKRSALQSINEWAAQTTDGKLPEVTKDVER
TDGALLVNAMFFKPHWDEKFHHKMVDNRGFMVTRSYTVGVTMMHRTGLYNYYDDEKEKLQIVEMPLAHKLSSLIILMPHH
VEPLERLEKLLTKEQLKIWMGKMQKKAVAISLPKGVVEVTHDLQKHLAGLGLTEAIDKNKADLSRMSGKKDLYLASVFHA
TAFEWDTEGNPFDQDIYGREELRSPKLFYADHPFIFLVRDTQSGSLLFIGRLVRPKGDKMRDELLEHHHHHH
;
A,B
2 'polypeptide(L)' (ACE)PPGPPGPPGPRGLPGPPGPPG C,D,E,F,G,H
#
# COMPACT_ATOMS: atom_id res chain seq x y z
N MET A 1 -17.20 -17.72 -2.30
CA MET A 1 -18.54 -17.87 -2.85
C MET A 1 -19.59 -17.31 -1.89
N LEU A 2 -20.47 -16.46 -2.42
CA LEU A 2 -21.54 -15.88 -1.62
C LEU A 2 -22.67 -16.88 -1.45
N SER A 3 -23.32 -16.83 -0.28
CA SER A 3 -24.54 -17.59 -0.09
C SER A 3 -25.65 -16.99 -0.97
N PRO A 4 -26.65 -17.80 -1.33
CA PRO A 4 -27.71 -17.27 -2.21
C PRO A 4 -28.47 -16.10 -1.60
N LYS A 5 -28.57 -16.03 -0.27
CA LYS A 5 -29.24 -14.89 0.35
C LYS A 5 -28.38 -13.63 0.25
N ALA A 6 -27.08 -13.76 0.54
CA ALA A 6 -26.19 -12.61 0.40
C ALA A 6 -26.04 -12.19 -1.05
N ALA A 7 -26.14 -13.13 -1.99
CA ALA A 7 -26.07 -12.78 -3.40
C ALA A 7 -27.29 -11.99 -3.84
N THR A 8 -28.47 -12.34 -3.32
CA THR A 8 -29.67 -11.58 -3.64
C THR A 8 -29.59 -10.17 -3.07
N LEU A 9 -29.06 -10.03 -1.85
CA LEU A 9 -28.90 -8.70 -1.27
C LEU A 9 -27.81 -7.90 -1.98
N ALA A 10 -26.85 -8.58 -2.62
CA ALA A 10 -25.85 -7.88 -3.41
C ALA A 10 -26.48 -7.17 -4.59
N GLU A 11 -27.41 -7.84 -5.28
CA GLU A 11 -28.14 -7.18 -6.36
C GLU A 11 -29.15 -6.18 -5.82
N ARG A 12 -29.67 -6.41 -4.61
CA ARG A 12 -30.52 -5.41 -3.96
C ARG A 12 -29.73 -4.15 -3.64
N SER A 13 -28.52 -4.31 -3.11
CA SER A 13 -27.69 -3.15 -2.79
C SER A 13 -27.31 -2.40 -4.07
N ALA A 14 -26.98 -3.14 -5.13
CA ALA A 14 -26.60 -2.49 -6.39
C ALA A 14 -27.75 -1.67 -6.97
N GLY A 15 -28.96 -2.21 -6.92
CA GLY A 15 -30.12 -1.46 -7.38
C GLY A 15 -30.38 -0.23 -6.53
N LEU A 16 -30.15 -0.35 -5.22
CA LEU A 16 -30.35 0.80 -4.33
C LEU A 16 -29.32 1.88 -4.60
N ALA A 17 -28.08 1.49 -4.89
CA ALA A 17 -27.04 2.48 -5.21
C ALA A 17 -27.35 3.19 -6.52
N PHE A 18 -27.91 2.47 -7.49
CA PHE A 18 -28.30 3.08 -8.76
C PHE A 18 -29.30 4.20 -8.54
N SER A 19 -30.35 3.93 -7.75
CA SER A 19 -31.35 4.95 -7.47
C SER A 19 -30.75 6.09 -6.65
N LEU A 20 -29.84 5.77 -5.73
CA LEU A 20 -29.13 6.80 -4.99
C LEU A 20 -28.34 7.70 -5.93
N TYR A 21 -27.62 7.09 -6.89
CA TYR A 21 -26.84 7.87 -7.84
C TYR A 21 -27.73 8.81 -8.65
N GLN A 22 -28.81 8.27 -9.22
CA GLN A 22 -29.71 9.10 -10.03
C GLN A 22 -30.34 10.20 -9.20
N ALA A 23 -30.71 9.90 -7.95
CA ALA A 23 -31.31 10.92 -7.10
C ALA A 23 -30.32 12.04 -6.81
N MET A 24 -29.08 11.69 -6.51
CA MET A 24 -28.07 12.71 -6.24
C MET A 24 -27.59 13.39 -7.52
N ALA A 25 -27.69 12.70 -8.66
CA ALA A 25 -27.29 13.31 -9.93
C ALA A 25 -28.19 14.48 -10.31
N LYS A 26 -29.48 14.41 -9.94
CA LYS A 26 -30.38 15.52 -10.20
C LYS A 26 -30.01 16.73 -9.34
N ASP A 27 -29.38 16.50 -8.19
CA ASP A 27 -29.02 17.58 -7.27
C ASP A 27 -27.90 18.42 -7.89
N GLN A 28 -28.22 19.65 -8.26
CA GLN A 28 -27.22 20.55 -8.83
C GLN A 28 -26.15 20.95 -7.83
N ALA A 29 -26.37 20.70 -6.52
CA ALA A 29 -25.35 20.97 -5.51
C ALA A 29 -24.35 19.84 -5.37
N VAL A 30 -24.67 18.65 -5.89
CA VAL A 30 -23.77 17.50 -5.82
C VAL A 30 -22.82 17.56 -7.00
N GLU A 31 -21.52 17.36 -6.73
CA GLU A 31 -20.52 17.37 -7.78
C GLU A 31 -20.03 15.94 -7.95
N ASN A 32 -18.94 15.53 -7.31
CA ASN A 32 -18.49 14.16 -7.39
C ASN A 32 -19.40 13.25 -6.58
N ILE A 33 -19.52 12.00 -7.03
CA ILE A 33 -20.34 11.00 -6.37
C ILE A 33 -19.48 9.78 -6.08
N LEU A 34 -19.69 9.18 -4.92
CA LEU A 34 -18.93 7.99 -4.51
C LEU A 34 -19.80 7.19 -3.56
N LEU A 35 -20.32 6.06 -4.02
CA LEU A 35 -21.23 5.23 -3.25
C LEU A 35 -20.74 3.80 -3.23
N SER A 36 -20.68 3.21 -2.03
CA SER A 36 -20.43 1.79 -1.88
C SER A 36 -21.76 1.11 -1.58
N PRO A 37 -22.29 0.28 -2.49
CA PRO A 37 -23.65 -0.25 -2.29
C PRO A 37 -23.84 -1.03 -1.01
N VAL A 38 -22.85 -1.83 -0.60
CA VAL A 38 -23.01 -2.63 0.61
C VAL A 38 -23.00 -1.74 1.84
N VAL A 39 -22.30 -0.60 1.80
CA VAL A 39 -22.28 0.30 2.93
C VAL A 39 -23.58 1.10 3.01
N VAL A 40 -24.15 1.45 1.86
CA VAL A 40 -25.44 2.11 1.85
C VAL A 40 -26.53 1.18 2.39
N ALA A 41 -26.57 -0.06 1.89
CA ALA A 41 -27.54 -1.02 2.40
C ALA A 41 -27.33 -1.30 3.87
N SER A 42 -26.10 -1.19 4.36
CA SER A 42 -25.83 -1.39 5.78
C SER A 42 -26.47 -0.29 6.63
N SER A 43 -26.60 0.92 6.07
CA SER A 43 -27.26 1.99 6.81
C SER A 43 -28.73 1.67 7.03
N LEU A 44 -29.40 1.13 6.01
CA LEU A 44 -30.79 0.72 6.17
C LEU A 44 -30.90 -0.49 7.09
N GLY A 45 -29.90 -1.37 7.09
CA GLY A 45 -29.91 -2.49 8.01
C GLY A 45 -29.79 -2.06 9.46
N LEU A 46 -29.02 -1.00 9.71
CA LEU A 46 -28.88 -0.50 11.08
C LEU A 46 -30.18 0.15 11.56
N VAL A 47 -30.87 0.86 10.68
CA VAL A 47 -32.15 1.46 11.05
C VAL A 47 -33.18 0.38 11.34
N SER A 48 -33.18 -0.70 10.54
CA SER A 48 -34.08 -1.81 10.79
C SER A 48 -33.68 -2.58 12.05
N LEU A 49 -32.37 -2.71 12.29
CA LEU A 49 -31.90 -3.42 13.47
C LEU A 49 -32.28 -2.68 14.75
N GLY A 50 -32.10 -1.36 14.77
CA GLY A 50 -32.39 -0.56 15.93
C GLY A 50 -33.75 0.09 15.95
N GLY A 51 -34.66 -0.29 15.05
CA GLY A 51 -35.97 0.31 14.98
C GLY A 51 -37.07 -0.75 15.00
N LYS A 52 -38.31 -0.27 15.17
CA LYS A 52 -39.49 -1.12 15.16
C LYS A 52 -40.57 -0.46 14.33
N ALA A 53 -41.61 -1.24 14.03
CA ALA A 53 -42.86 -0.77 13.42
C ALA A 53 -42.52 -0.13 12.07
N THR A 54 -43.07 1.04 11.73
CA THR A 54 -42.88 1.61 10.40
C THR A 54 -41.46 2.09 10.17
N THR A 55 -40.76 2.48 11.23
CA THR A 55 -39.38 2.95 11.06
C THR A 55 -38.48 1.84 10.53
N ALA A 56 -38.64 0.62 11.06
CA ALA A 56 -37.87 -0.50 10.57
C ALA A 56 -38.46 -1.09 9.30
N SER A 57 -39.78 -0.98 9.11
CA SER A 57 -40.41 -1.54 7.93
C SER A 57 -40.04 -0.74 6.67
N GLN A 58 -39.92 0.57 6.80
CA GLN A 58 -39.56 1.40 5.64
C GLN A 58 -38.12 1.12 5.20
N ALA A 59 -37.21 0.94 6.16
CA ALA A 59 -35.82 0.66 5.81
C ALA A 59 -35.70 -0.62 4.99
N LYS A 60 -36.52 -1.62 5.31
CA LYS A 60 -36.50 -2.84 4.51
C LYS A 60 -37.11 -2.62 3.13
N ALA A 61 -38.08 -1.71 3.03
CA ALA A 61 -38.72 -1.44 1.74
C ALA A 61 -37.79 -0.69 0.80
N VAL A 62 -37.04 0.29 1.33
CA VAL A 62 -36.07 1.01 0.50
C VAL A 62 -35.01 0.06 -0.04
N LEU A 63 -34.68 -0.98 0.72
CA LEU A 63 -33.78 -2.03 0.25
C LEU A 63 -34.47 -3.03 -0.66
N SER A 64 -35.80 -2.96 -0.77
CA SER A 64 -36.59 -3.90 -1.59
C SER A 64 -36.36 -5.34 -1.14
N ALA A 65 -36.21 -5.54 0.17
CA ALA A 65 -36.00 -6.85 0.76
C ALA A 65 -37.16 -7.22 1.68
N GLU A 66 -38.39 -6.90 1.26
CA GLU A 66 -39.55 -7.14 2.10
C GLU A 66 -39.83 -8.63 2.25
N GLN A 67 -39.57 -9.43 1.22
CA GLN A 67 -39.84 -10.86 1.25
C GLN A 67 -38.76 -11.66 1.97
N LEU A 68 -37.98 -11.01 2.83
CA LEU A 68 -36.91 -11.66 3.58
C LEU A 68 -37.05 -11.30 5.05
N ARG A 69 -36.71 -12.24 5.92
CA ARG A 69 -36.80 -12.00 7.34
C ARG A 69 -35.77 -10.97 7.78
N ASP A 70 -36.01 -10.38 8.96
CA ASP A 70 -35.11 -9.35 9.47
C ASP A 70 -33.71 -9.90 9.70
N GLU A 71 -33.62 -11.06 10.36
CA GLU A 71 -32.31 -11.67 10.61
C GLU A 71 -31.65 -12.17 9.34
N GLU A 72 -32.42 -12.36 8.27
CA GLU A 72 -31.82 -12.69 6.98
C GLU A 72 -31.15 -11.47 6.35
N VAL A 73 -31.72 -10.28 6.57
CA VAL A 73 -31.11 -9.07 6.05
C VAL A 73 -29.79 -8.78 6.77
N HIS A 74 -29.81 -8.83 8.11
CA HIS A 74 -28.60 -8.56 8.88
C HIS A 74 -27.51 -9.59 8.58
N ALA A 75 -27.87 -10.87 8.53
CA ALA A 75 -26.89 -11.90 8.26
C ALA A 75 -26.39 -11.81 6.82
N GLY A 76 -27.28 -11.54 5.88
CA GLY A 76 -26.86 -11.44 4.48
C GLY A 76 -25.95 -10.24 4.25
N LEU A 77 -26.33 -9.08 4.77
CA LEU A 77 -25.48 -7.90 4.66
C LEU A 77 -24.20 -8.08 5.47
N GLY A 78 -24.24 -8.87 6.55
CA GLY A 78 -23.03 -9.14 7.29
C GLY A 78 -22.05 -9.99 6.50
N GLU A 79 -22.56 -10.97 5.75
CA GLU A 79 -21.70 -11.78 4.89
C GLU A 79 -21.13 -10.94 3.75
N LEU A 80 -21.92 -10.00 3.23
CA LEU A 80 -21.45 -9.15 2.13
C LEU A 80 -20.34 -8.21 2.60
N LEU A 81 -20.47 -7.66 3.81
CA LEU A 81 -19.44 -6.77 4.33
C LEU A 81 -18.12 -7.51 4.52
N ARG A 82 -18.19 -8.70 5.13
CA ARG A 82 -16.99 -9.48 5.38
C ARG A 82 -16.39 -10.05 4.10
N SER A 83 -17.18 -10.19 3.04
CA SER A 83 -16.63 -10.66 1.77
C SER A 83 -15.67 -9.64 1.18
N LEU A 84 -15.94 -8.36 1.35
CA LEU A 84 -15.03 -7.33 0.86
C LEU A 84 -13.80 -7.20 1.74
N SER A 85 -13.95 -7.45 3.04
CA SER A 85 -12.79 -7.40 3.94
C SER A 85 -11.78 -8.50 3.61
N ASN A 86 -12.24 -9.60 3.02
CA ASN A 86 -11.37 -10.70 2.61
C ASN A 86 -10.81 -10.50 1.20
N SER A 87 -10.63 -9.26 0.77
CA SER A 87 -10.08 -8.96 -0.54
C SER A 87 -9.31 -7.64 -0.48
N THR A 88 -8.42 -7.53 0.52
CA THR A 88 -7.66 -6.31 0.73
C THR A 88 -6.21 -6.52 0.26
N ALA A 89 -5.30 -5.66 0.72
CA ALA A 89 -3.90 -5.72 0.30
C ALA A 89 -3.25 -7.04 0.69
N VAL A 92 -6.01 -4.85 -3.88
CA VAL A 92 -6.56 -3.51 -3.69
C VAL A 92 -6.66 -3.21 -2.19
N THR A 93 -6.45 -1.94 -1.83
CA THR A 93 -6.48 -1.52 -0.43
C THR A 93 -7.88 -0.98 -0.12
N TRP A 94 -8.51 -1.55 0.91
CA TRP A 94 -9.89 -1.21 1.25
C TRP A 94 -9.99 -1.06 2.77
N LYS A 95 -10.30 0.15 3.22
CA LYS A 95 -10.50 0.44 4.64
C LYS A 95 -11.91 0.94 4.85
N LEU A 96 -12.54 0.48 5.94
CA LEU A 96 -13.93 0.81 6.20
C LEU A 96 -14.17 0.98 7.70
N GLY A 97 -14.88 2.04 8.06
CA GLY A 97 -15.30 2.26 9.43
C GLY A 97 -16.74 2.71 9.52
N SER A 98 -17.47 2.22 10.51
CA SER A 98 -18.86 2.60 10.72
C SER A 98 -19.07 2.88 12.20
N ARG A 99 -19.63 4.05 12.50
CA ARG A 99 -19.75 4.49 13.89
C ARG A 99 -21.01 5.33 14.06
N LEU A 100 -21.80 5.00 15.08
CA LEU A 100 -23.00 5.75 15.42
C LEU A 100 -22.67 6.79 16.47
N TYR A 101 -23.13 8.03 16.26
CA TYR A 101 -22.91 9.13 17.19
C TYR A 101 -24.26 9.57 17.76
N GLY A 102 -24.42 9.42 19.07
CA GLY A 102 -25.62 9.83 19.74
C GLY A 102 -25.38 10.94 20.75
N PRO A 103 -26.45 11.57 21.21
CA PRO A 103 -26.30 12.60 22.24
C PRO A 103 -25.87 12.00 23.56
N SER A 104 -25.33 12.86 24.43
CA SER A 104 -24.93 12.43 25.77
C SER A 104 -26.11 12.11 26.65
N SER A 105 -27.29 12.67 26.35
CA SER A 105 -28.48 12.40 27.14
C SER A 105 -29.04 11.00 26.92
N VAL A 106 -28.51 10.25 25.95
CA VAL A 106 -29.05 8.96 25.55
C VAL A 106 -28.00 7.90 25.79
N SER A 107 -28.45 6.72 26.23
CA SER A 107 -27.60 5.56 26.43
C SER A 107 -28.01 4.46 25.45
N PHE A 108 -27.01 3.73 24.96
CA PHE A 108 -27.24 2.68 23.97
C PHE A 108 -27.59 1.38 24.67
N ALA A 109 -28.63 0.70 24.18
CA ALA A 109 -29.00 -0.60 24.73
C ALA A 109 -27.95 -1.64 24.39
N GLU A 110 -27.62 -2.49 25.36
CA GLU A 110 -26.52 -3.44 25.19
C GLU A 110 -26.79 -4.43 24.07
N ASP A 111 -28.04 -4.82 23.86
CA ASP A 111 -28.35 -5.79 22.81
C ASP A 111 -28.13 -5.18 21.42
N PHE A 112 -28.47 -3.90 21.25
CA PHE A 112 -28.24 -3.26 19.95
C PHE A 112 -26.75 -3.07 19.69
N VAL A 113 -25.97 -2.77 20.74
CA VAL A 113 -24.53 -2.64 20.57
C VAL A 113 -23.92 -3.97 20.16
N ARG A 114 -24.40 -5.07 20.74
CA ARG A 114 -23.89 -6.39 20.39
C ARG A 114 -24.26 -6.76 18.96
N SER A 115 -25.49 -6.44 18.54
CA SER A 115 -25.94 -6.84 17.21
C SER A 115 -25.30 -6.00 16.11
N SER A 116 -25.28 -4.68 16.31
CA SER A 116 -24.72 -3.80 15.28
C SER A 116 -23.23 -4.05 15.10
N LYS A 117 -22.52 -4.36 16.18
CA LYS A 117 -21.09 -4.64 16.07
C LYS A 117 -20.85 -5.99 15.39
N GLN A 118 -21.73 -6.97 15.63
CA GLN A 118 -21.54 -8.30 15.06
C GLN A 118 -21.90 -8.33 13.58
N HIS A 119 -22.99 -7.65 13.19
CA HIS A 119 -23.45 -7.70 11.81
C HIS A 119 -22.83 -6.61 10.93
N TYR A 120 -22.56 -5.43 11.50
CA TYR A 120 -22.16 -4.28 10.70
C TYR A 120 -20.86 -3.64 11.17
N ASN A 121 -20.16 -4.25 12.13
CA ASN A 121 -18.93 -3.69 12.69
C ASN A 121 -19.14 -2.27 13.23
N CYS A 122 -20.36 -1.97 13.63
CA CYS A 122 -20.73 -0.60 14.01
C CYS A 122 -20.22 -0.27 15.40
N GLU A 123 -19.56 0.88 15.52
CA GLU A 123 -19.13 1.42 16.80
C GLU A 123 -20.15 2.44 17.29
N HIS A 124 -20.01 2.83 18.55
CA HIS A 124 -20.98 3.73 19.18
C HIS A 124 -20.26 4.74 20.05
N SER A 125 -20.66 6.01 19.93
CA SER A 125 -20.05 7.10 20.67
C SER A 125 -21.11 8.14 21.01
N LYS A 126 -20.92 8.80 22.14
CA LYS A 126 -21.77 9.90 22.57
C LYS A 126 -20.99 11.20 22.52
N ILE A 127 -21.59 12.24 21.95
CA ILE A 127 -20.98 13.56 21.87
C ILE A 127 -22.02 14.62 22.20
N ASN A 128 -21.52 15.78 22.63
CA ASN A 128 -22.37 16.95 22.89
C ASN A 128 -22.43 17.76 21.60
N PHE A 129 -23.55 17.64 20.88
CA PHE A 129 -23.69 18.32 19.60
C PHE A 129 -23.65 19.84 19.73
N ARG A 130 -24.00 20.38 20.91
CA ARG A 130 -23.96 21.82 21.08
C ARG A 130 -22.53 22.34 21.15
N ASP A 131 -21.58 21.49 21.58
CA ASP A 131 -20.16 21.80 21.47
C ASP A 131 -19.72 21.43 20.06
N LYS A 132 -19.97 22.37 19.14
CA LYS A 132 -19.77 22.08 17.72
C LYS A 132 -18.32 21.74 17.40
N ARG A 133 -17.38 22.45 18.02
CA ARG A 133 -15.97 22.23 17.73
C ARG A 133 -15.52 20.85 18.20
N SER A 134 -15.87 20.48 19.44
CA SER A 134 -15.49 19.17 19.95
C SER A 134 -16.21 18.04 19.24
N ALA A 135 -17.42 18.30 18.73
CA ALA A 135 -18.16 17.27 18.02
C ALA A 135 -17.52 16.96 16.68
N LEU A 136 -17.18 17.99 15.91
CA LEU A 136 -16.55 17.78 14.61
C LEU A 136 -15.19 17.11 14.76
N GLN A 137 -14.40 17.55 15.74
CA GLN A 137 -13.09 16.95 15.95
C GLN A 137 -13.20 15.45 16.27
N SER A 138 -14.16 15.08 17.13
CA SER A 138 -14.34 13.67 17.46
C SER A 138 -14.70 12.86 16.24
N ILE A 139 -15.50 13.43 15.33
CA ILE A 139 -15.90 12.71 14.12
C ILE A 139 -14.76 12.69 13.12
N ASN A 140 -14.14 13.85 12.87
CA ASN A 140 -13.10 13.93 11.84
C ASN A 140 -11.86 13.13 12.21
N GLU A 141 -11.49 13.14 13.50
CA GLU A 141 -10.31 12.40 13.91
C GLU A 141 -10.55 10.89 13.85
N TRP A 142 -11.79 10.45 14.00
CA TRP A 142 -12.08 9.03 13.91
C TRP A 142 -12.00 8.54 12.47
N ALA A 143 -12.53 9.32 11.53
CA ALA A 143 -12.44 8.94 10.12
C ALA A 143 -11.00 8.98 9.63
N ALA A 144 -10.23 9.99 10.05
CA ALA A 144 -8.83 10.06 9.67
C ALA A 144 -8.05 8.87 10.21
N GLN A 145 -8.34 8.45 11.45
CA GLN A 145 -7.70 7.27 12.01
C GLN A 145 -8.11 6.01 11.25
N THR A 146 -9.38 5.94 10.83
CA THR A 146 -9.85 4.77 10.09
C THR A 146 -9.19 4.67 8.73
N THR A 147 -9.00 5.82 8.05
CA THR A 147 -8.41 5.85 6.72
C THR A 147 -6.92 6.15 6.74
N ASP A 148 -6.31 6.19 7.93
CA ASP A 148 -4.88 6.48 8.07
C ASP A 148 -4.51 7.81 7.41
N GLY A 149 -5.36 8.83 7.62
CA GLY A 149 -5.11 10.15 7.11
C GLY A 149 -5.58 10.41 5.69
N LYS A 150 -6.01 9.37 4.96
CA LYS A 150 -6.46 9.58 3.60
C LYS A 150 -7.78 10.35 3.54
N LEU A 151 -8.58 10.26 4.61
CA LEU A 151 -9.84 11.01 4.73
C LEU A 151 -9.72 11.89 5.98
N PRO A 152 -9.05 13.03 5.88
CA PRO A 152 -8.77 13.82 7.08
C PRO A 152 -9.99 14.40 7.75
N GLU A 153 -11.06 14.68 7.01
CA GLU A 153 -12.25 15.27 7.60
C GLU A 153 -13.49 14.79 6.87
N VAL A 154 -14.57 14.57 7.62
CA VAL A 154 -15.85 14.14 7.08
C VAL A 154 -16.64 15.37 6.63
N THR A 155 -17.09 16.16 7.59
CA THR A 155 -17.89 17.34 7.30
C THR A 155 -17.39 18.50 8.15
N LYS A 156 -17.76 19.71 7.74
CA LYS A 156 -17.36 20.93 8.43
C LYS A 156 -18.47 21.48 9.33
N ASP A 157 -19.63 20.84 9.37
CA ASP A 157 -20.76 21.35 10.14
C ASP A 157 -21.75 20.24 10.39
N VAL A 158 -22.18 20.10 11.64
CA VAL A 158 -23.27 19.19 12.00
C VAL A 158 -24.59 19.94 11.88
N GLU A 159 -25.51 19.38 11.09
CA GLU A 159 -26.69 20.15 10.68
C GLU A 159 -27.80 20.09 11.73
N ARG A 160 -27.95 18.96 12.43
CA ARG A 160 -29.03 18.78 13.39
C ARG A 160 -28.41 18.33 14.71
N THR A 161 -28.42 19.22 15.70
CA THR A 161 -27.74 18.99 16.97
C THR A 161 -28.50 18.06 17.90
N ASP A 162 -29.52 17.36 17.41
CA ASP A 162 -30.19 16.33 18.19
C ASP A 162 -30.48 15.14 17.26
N GLY A 163 -30.33 13.95 17.81
CA GLY A 163 -30.51 12.74 17.03
C GLY A 163 -29.22 11.96 16.87
N ALA A 164 -29.24 11.04 15.90
CA ALA A 164 -28.12 10.16 15.64
C ALA A 164 -27.48 10.50 14.30
N LEU A 165 -26.16 10.39 14.23
CA LEU A 165 -25.40 10.52 13.00
C LEU A 165 -24.72 9.20 12.71
N LEU A 166 -25.07 8.59 11.58
CA LEU A 166 -24.39 7.39 11.10
C LEU A 166 -23.27 7.81 10.17
N VAL A 167 -22.02 7.52 10.56
CA VAL A 167 -20.84 7.97 9.83
C VAL A 167 -20.13 6.74 9.28
N ASN A 168 -19.89 6.75 7.97
CA ASN A 168 -19.10 5.72 7.30
C ASN A 168 -17.88 6.39 6.69
N ALA A 169 -16.69 5.92 7.08
CA ALA A 169 -15.43 6.40 6.53
C ALA A 169 -14.77 5.28 5.75
N MET A 170 -14.42 5.56 4.50
CA MET A 170 -13.88 4.54 3.61
C MET A 170 -12.66 5.07 2.86
N PHE A 171 -11.72 4.16 2.60
CA PHE A 171 -10.61 4.41 1.71
C PHE A 171 -10.51 3.25 0.73
N PHE A 172 -10.46 3.58 -0.56
CA PHE A 172 -10.33 2.57 -1.61
C PHE A 172 -9.23 3.00 -2.57
N LYS A 173 -8.36 2.05 -2.93
CA LYS A 173 -7.27 2.30 -3.87
C LYS A 173 -7.22 1.13 -4.85
N PRO A 174 -7.75 1.30 -6.06
CA PRO A 174 -7.71 0.21 -7.04
C PRO A 174 -6.29 -0.22 -7.36
N HIS A 175 -6.06 -1.53 -7.29
CA HIS A 175 -4.78 -2.14 -7.65
C HIS A 175 -4.96 -2.83 -9.00
N TRP A 176 -4.28 -2.31 -10.02
CA TRP A 176 -4.49 -2.80 -11.38
C TRP A 176 -3.84 -4.16 -11.57
N ASP A 177 -4.48 -4.99 -12.39
CA ASP A 177 -3.88 -6.26 -12.79
C ASP A 177 -2.61 -6.03 -13.59
N GLU A 178 -2.54 -4.93 -14.34
CA GLU A 178 -1.36 -4.54 -15.10
C GLU A 178 -0.97 -3.14 -14.65
N LYS A 179 0.18 -3.04 -14.00
CA LYS A 179 0.58 -1.78 -13.38
C LYS A 179 0.87 -0.71 -14.42
N PHE A 180 0.66 0.54 -14.02
CA PHE A 180 1.16 1.68 -14.79
C PHE A 180 2.63 1.90 -14.45
N HIS A 181 3.38 2.43 -15.41
CA HIS A 181 4.75 2.82 -15.13
C HIS A 181 4.73 4.04 -14.20
N HIS A 182 5.51 3.95 -13.10
CA HIS A 182 5.47 4.99 -12.08
C HIS A 182 5.99 6.33 -12.61
N LYS A 183 6.68 6.33 -13.75
CA LYS A 183 7.17 7.57 -14.35
C LYS A 183 6.33 8.01 -15.54
N MET A 184 5.24 7.30 -15.84
CA MET A 184 4.34 7.70 -16.92
C MET A 184 3.26 8.65 -16.39
N VAL A 185 3.72 9.76 -15.81
CA VAL A 185 2.84 10.78 -15.25
C VAL A 185 3.35 12.14 -15.69
N ASP A 186 2.41 13.04 -16.01
CA ASP A 186 2.75 14.41 -16.37
C ASP A 186 1.55 15.30 -16.06
N ASN A 187 1.72 16.60 -16.25
CA ASN A 187 0.69 17.57 -15.97
C ASN A 187 -0.19 17.77 -17.20
N ARG A 188 -1.50 17.61 -17.02
CA ARG A 188 -2.47 17.83 -18.09
C ARG A 188 -3.61 18.68 -17.54
N GLY A 189 -4.34 19.30 -18.46
CA GLY A 189 -5.51 20.08 -18.11
C GLY A 189 -6.76 19.23 -18.11
N PHE A 190 -7.48 19.24 -16.99
CA PHE A 190 -8.76 18.58 -16.88
C PHE A 190 -9.87 19.61 -17.10
N MET A 191 -10.75 19.33 -18.05
CA MET A 191 -11.81 20.27 -18.42
C MET A 191 -13.07 19.92 -17.63
N VAL A 192 -13.28 20.64 -16.52
CA VAL A 192 -14.53 20.51 -15.79
C VAL A 192 -15.71 20.88 -16.70
N THR A 193 -15.59 22.02 -17.40
CA THR A 193 -16.47 22.37 -18.49
C THR A 193 -15.63 22.79 -19.68
N ARG A 194 -16.26 23.28 -20.75
CA ARG A 194 -15.50 23.79 -21.89
C ARG A 194 -14.83 25.12 -21.57
N SER A 195 -15.28 25.81 -20.50
CA SER A 195 -14.75 27.12 -20.14
C SER A 195 -14.09 27.09 -18.75
N TYR A 196 -13.65 25.92 -18.30
CA TYR A 196 -13.08 25.78 -16.96
C TYR A 196 -12.12 24.61 -16.99
N THR A 197 -10.83 24.90 -16.82
CA THR A 197 -9.78 23.87 -16.89
C THR A 197 -8.90 23.98 -15.66
N VAL A 198 -8.78 22.87 -14.93
CA VAL A 198 -7.91 22.78 -13.75
C VAL A 198 -6.76 21.83 -14.06
N GLY A 199 -5.57 22.17 -13.58
CA GLY A 199 -4.40 21.35 -13.81
C GLY A 199 -4.40 20.15 -12.87
N VAL A 200 -4.14 18.97 -13.43
CA VAL A 200 -4.10 17.73 -12.67
C VAL A 200 -2.89 16.91 -13.11
N THR A 201 -2.53 15.95 -12.27
CA THR A 201 -1.58 14.91 -12.66
C THR A 201 -2.34 13.77 -13.31
N MET A 202 -1.78 13.24 -14.41
CA MET A 202 -2.42 12.18 -15.16
C MET A 202 -1.45 11.04 -15.37
N MET A 203 -1.90 9.82 -15.12
CA MET A 203 -1.13 8.62 -15.40
C MET A 203 -1.58 7.99 -16.71
N HIS A 204 -0.63 7.40 -17.43
CA HIS A 204 -0.89 6.88 -18.77
C HIS A 204 -0.35 5.47 -18.88
N ARG A 205 -1.17 4.57 -19.42
CA ARG A 205 -0.73 3.23 -19.78
C ARG A 205 -1.38 2.84 -21.10
N THR A 206 -0.63 2.11 -21.92
CA THR A 206 -1.14 1.57 -23.18
C THR A 206 -1.02 0.06 -23.14
N GLY A 207 -2.16 -0.61 -23.22
CA GLY A 207 -2.16 -2.07 -23.21
C GLY A 207 -3.41 -2.59 -23.89
N LEU A 208 -3.68 -3.87 -23.68
CA LEU A 208 -4.86 -4.52 -24.24
C LEU A 208 -5.98 -4.48 -23.21
N TYR A 209 -7.07 -3.80 -23.55
CA TYR A 209 -8.20 -3.63 -22.65
C TYR A 209 -9.50 -3.94 -23.38
N ASN A 210 -10.49 -4.40 -22.62
CA ASN A 210 -11.84 -4.51 -23.15
C ASN A 210 -12.38 -3.12 -23.42
N TYR A 211 -12.89 -2.90 -24.63
CA TYR A 211 -13.18 -1.55 -25.09
C TYR A 211 -14.35 -1.59 -26.08
N TYR A 212 -15.19 -0.56 -26.02
CA TYR A 212 -16.25 -0.37 -27.00
C TYR A 212 -16.45 1.12 -27.23
N ASP A 213 -16.52 1.50 -28.50
CA ASP A 213 -16.81 2.88 -28.91
C ASP A 213 -18.25 2.91 -29.42
N ASP A 214 -19.12 3.58 -28.67
CA ASP A 214 -20.53 3.72 -29.07
C ASP A 214 -20.65 4.97 -29.93
N GLU A 215 -20.62 4.78 -31.25
CA GLU A 215 -20.78 5.90 -32.16
C GLU A 215 -22.22 6.41 -32.20
N LYS A 216 -23.19 5.59 -31.79
CA LYS A 216 -24.58 6.01 -31.82
C LYS A 216 -24.88 7.02 -30.72
N GLU A 217 -24.57 6.67 -29.47
CA GLU A 217 -24.83 7.54 -28.33
C GLU A 217 -23.61 8.33 -27.90
N LYS A 218 -22.49 8.23 -28.64
CA LYS A 218 -21.32 9.10 -28.49
C LYS A 218 -20.73 8.99 -27.08
N LEU A 219 -20.13 7.83 -26.81
CA LEU A 219 -19.46 7.60 -25.55
C LEU A 219 -18.44 6.48 -25.71
N GLN A 220 -17.49 6.45 -24.79
CA GLN A 220 -16.46 5.42 -24.73
C GLN A 220 -16.62 4.60 -23.46
N ILE A 221 -16.29 3.31 -23.55
CA ILE A 221 -16.34 2.39 -22.42
C ILE A 221 -15.10 1.52 -22.45
N VAL A 222 -14.37 1.49 -21.33
CA VAL A 222 -13.19 0.65 -21.19
C VAL A 222 -13.28 -0.10 -19.87
N GLU A 223 -12.78 -1.33 -19.86
CA GLU A 223 -12.76 -2.18 -18.67
C GLU A 223 -11.33 -2.33 -18.20
N MET A 224 -11.07 -1.92 -16.96
CA MET A 224 -9.74 -2.05 -16.37
C MET A 224 -9.76 -3.13 -15.30
N PRO A 225 -9.21 -4.32 -15.57
CA PRO A 225 -9.24 -5.38 -14.56
C PRO A 225 -8.35 -5.04 -13.37
N LEU A 226 -8.80 -5.44 -12.19
CA LEU A 226 -8.05 -5.24 -10.96
C LEU A 226 -7.17 -6.46 -10.68
N ALA A 227 -6.47 -6.42 -9.55
CA ALA A 227 -5.46 -7.43 -9.23
C ALA A 227 -6.01 -8.84 -9.32
N HIS A 228 -5.37 -9.66 -10.14
CA HIS A 228 -5.72 -11.07 -10.35
C HIS A 228 -7.12 -11.24 -10.92
N LYS A 229 -7.66 -10.20 -11.57
CA LYS A 229 -8.94 -10.26 -12.26
C LYS A 229 -10.09 -10.66 -11.33
N LEU A 230 -9.97 -10.32 -10.05
CA LEU A 230 -11.06 -10.59 -9.10
C LEU A 230 -12.13 -9.51 -9.12
N SER A 231 -11.80 -8.33 -9.63
CA SER A 231 -12.76 -7.25 -9.82
C SER A 231 -12.32 -6.42 -11.02
N SER A 232 -13.21 -5.56 -11.49
CA SER A 232 -12.94 -4.75 -12.66
C SER A 232 -13.47 -3.34 -12.46
N LEU A 233 -12.78 -2.37 -13.06
CA LEU A 233 -13.17 -0.97 -13.02
C LEU A 233 -13.59 -0.55 -14.42
N ILE A 234 -14.85 -0.15 -14.57
CA ILE A 234 -15.42 0.24 -15.85
C ILE A 234 -15.62 1.75 -15.85
N ILE A 235 -15.16 2.41 -16.91
CA ILE A 235 -15.25 3.85 -17.05
C ILE A 235 -16.11 4.17 -18.26
N LEU A 236 -17.10 5.05 -18.08
CA LEU A 236 -17.96 5.52 -19.15
C LEU A 236 -17.75 7.02 -19.29
N MET A 237 -17.39 7.46 -20.50
CA MET A 237 -17.08 8.86 -20.75
C MET A 237 -17.70 9.30 -22.07
N PRO A 238 -18.46 10.39 -22.08
CA PRO A 238 -19.05 10.86 -23.33
C PRO A 238 -18.00 11.35 -24.30
N HIS A 239 -18.38 11.39 -25.59
CA HIS A 239 -17.46 11.85 -26.62
C HIS A 239 -17.12 13.32 -26.45
N HIS A 240 -18.13 14.15 -26.24
CA HIS A 240 -17.92 15.58 -26.07
C HIS A 240 -17.80 15.95 -24.61
N VAL A 241 -17.21 17.13 -24.36
CA VAL A 241 -17.18 17.70 -23.02
C VAL A 241 -18.56 18.26 -22.74
N GLU A 242 -19.32 17.58 -21.89
CA GLU A 242 -20.71 17.92 -21.63
C GLU A 242 -21.08 17.44 -20.24
N PRO A 243 -22.16 17.96 -19.67
CA PRO A 243 -22.65 17.41 -18.39
C PRO A 243 -23.04 15.95 -18.55
N LEU A 244 -22.74 15.15 -17.52
CA LEU A 244 -23.00 13.72 -17.56
C LEU A 244 -24.49 13.38 -17.51
N GLU A 245 -25.37 14.37 -17.48
CA GLU A 245 -26.80 14.10 -17.36
C GLU A 245 -27.32 13.25 -18.51
N ARG A 246 -26.81 13.49 -19.73
CA ARG A 246 -27.24 12.69 -20.87
C ARG A 246 -26.80 11.24 -20.73
N LEU A 247 -25.57 11.02 -20.27
CA LEU A 247 -25.09 9.65 -20.06
C LEU A 247 -25.87 8.96 -18.94
N GLU A 248 -26.16 9.70 -17.87
CA GLU A 248 -26.83 9.11 -16.71
C GLU A 248 -28.24 8.62 -17.04
N LYS A 249 -28.88 9.19 -18.06
CA LYS A 249 -30.18 8.68 -18.48
C LYS A 249 -30.07 7.36 -19.22
N LEU A 250 -28.89 7.04 -19.77
CA LEU A 250 -28.67 5.76 -20.42
C LEU A 250 -28.09 4.71 -19.48
N LEU A 251 -27.51 5.12 -18.36
CA LEU A 251 -26.88 4.19 -17.42
C LEU A 251 -27.97 3.39 -16.72
N THR A 252 -28.19 2.16 -17.19
CA THR A 252 -29.09 1.22 -16.55
C THR A 252 -28.39 -0.13 -16.43
N LYS A 253 -29.00 -1.04 -15.69
CA LYS A 253 -28.48 -2.39 -15.61
C LYS A 253 -28.53 -3.08 -16.97
N GLU A 254 -29.61 -2.86 -17.71
CA GLU A 254 -29.76 -3.49 -19.02
C GLU A 254 -28.76 -2.91 -20.02
N GLN A 255 -28.65 -1.58 -20.06
CA GLN A 255 -27.76 -0.95 -21.04
C GLN A 255 -26.30 -1.24 -20.74
N LEU A 256 -25.93 -1.31 -19.46
CA LEU A 256 -24.56 -1.65 -19.10
C LEU A 256 -24.19 -3.04 -19.60
N LYS A 257 -25.11 -4.00 -19.47
CA LYS A 257 -24.84 -5.35 -19.95
C LYS A 257 -24.70 -5.37 -21.47
N ILE A 258 -25.56 -4.64 -22.19
CA ILE A 258 -25.43 -4.53 -23.63
C ILE A 258 -24.07 -3.96 -24.00
N TRP A 259 -23.63 -2.93 -23.27
CA TRP A 259 -22.33 -2.33 -23.53
C TRP A 259 -21.20 -3.30 -23.22
N MET A 260 -21.34 -4.09 -22.15
CA MET A 260 -20.31 -5.06 -21.80
C MET A 260 -20.17 -6.15 -22.86
N GLY A 261 -21.28 -6.52 -23.51
CA GLY A 261 -21.22 -7.57 -24.50
C GLY A 261 -20.65 -7.12 -25.83
N LYS A 262 -20.74 -5.83 -26.13
CA LYS A 262 -20.20 -5.29 -27.36
C LYS A 262 -18.71 -4.99 -27.28
N MET A 263 -18.12 -5.07 -26.09
CA MET A 263 -16.71 -4.76 -25.92
C MET A 263 -15.84 -5.85 -26.53
N GLN A 264 -14.60 -5.48 -26.84
CA GLN A 264 -13.61 -6.42 -27.35
C GLN A 264 -12.22 -5.94 -26.97
N LYS A 265 -11.31 -6.88 -26.78
CA LYS A 265 -9.95 -6.56 -26.40
C LYS A 265 -9.25 -5.82 -27.53
N LYS A 266 -8.87 -4.57 -27.29
CA LYS A 266 -8.21 -3.74 -28.28
C LYS A 266 -7.05 -3.00 -27.63
N ALA A 267 -6.09 -2.60 -28.45
CA ALA A 267 -5.02 -1.73 -27.98
C ALA A 267 -5.59 -0.37 -27.63
N VAL A 268 -5.53 0.00 -26.34
CA VAL A 268 -6.14 1.22 -25.84
C VAL A 268 -5.10 1.98 -25.02
N ALA A 269 -4.98 3.28 -25.28
CA ALA A 269 -4.15 4.18 -24.48
C ALA A 269 -5.07 4.85 -23.46
N ILE A 270 -4.86 4.51 -22.19
CA ILE A 270 -5.70 5.01 -21.10
C ILE A 270 -4.95 6.10 -20.34
N SER A 271 -5.58 7.27 -20.22
CA SER A 271 -5.03 8.39 -19.47
C SER A 271 -6.07 8.84 -18.46
N LEU A 272 -5.73 8.74 -17.18
CA LEU A 272 -6.66 9.06 -16.11
C LEU A 272 -6.03 10.06 -15.14
N PRO A 273 -6.84 10.89 -14.49
CA PRO A 273 -6.32 11.74 -13.42
C PRO A 273 -5.77 10.90 -12.27
N LYS A 274 -4.64 11.34 -11.73
CA LYS A 274 -3.96 10.63 -10.66
C LYS A 274 -4.03 11.45 -9.38
N GLY A 275 -4.47 10.83 -8.30
CA GLY A 275 -4.58 11.50 -7.02
C GLY A 275 -5.69 10.90 -6.20
N VAL A 276 -5.95 11.53 -5.06
CA VAL A 276 -6.95 11.10 -4.11
C VAL A 276 -8.17 12.00 -4.23
N VAL A 277 -9.34 11.40 -4.46
CA VAL A 277 -10.60 12.12 -4.53
C VAL A 277 -11.36 11.88 -3.23
N GLU A 278 -11.70 12.96 -2.53
CA GLU A 278 -12.41 12.89 -1.27
C GLU A 278 -13.84 13.36 -1.49
N VAL A 279 -14.81 12.50 -1.21
CA VAL A 279 -16.22 12.80 -1.36
C VAL A 279 -16.95 12.45 -0.07
N THR A 280 -17.73 13.40 0.43
CA THR A 280 -18.59 13.19 1.60
C THR A 280 -20.03 13.42 1.18
N HIS A 281 -20.90 12.47 1.52
CA HIS A 281 -22.32 12.56 1.21
C HIS A 281 -23.13 12.48 2.49
N ASP A 282 -24.22 13.23 2.55
CA ASP A 282 -25.24 13.08 3.58
C ASP A 282 -26.45 12.43 2.91
N LEU A 283 -26.48 11.09 2.96
CA LEU A 283 -27.51 10.32 2.28
C LEU A 283 -28.86 10.39 2.97
N GLN A 284 -28.96 11.07 4.10
CA GLN A 284 -30.16 10.99 4.93
C GLN A 284 -31.39 11.51 4.19
N LYS A 285 -31.28 12.68 3.57
CA LYS A 285 -32.45 13.26 2.90
C LYS A 285 -32.77 12.53 1.60
N HIS A 286 -31.77 11.93 0.95
CA HIS A 286 -32.03 11.17 -0.27
C HIS A 286 -32.66 9.82 0.05
N LEU A 287 -32.26 9.21 1.17
CA LEU A 287 -32.90 7.96 1.59
C LEU A 287 -34.35 8.18 1.96
N ALA A 288 -34.68 9.35 2.51
CA ALA A 288 -36.07 9.67 2.81
C ALA A 288 -36.89 9.77 1.53
N GLY A 289 -36.33 10.37 0.49
CA GLY A 289 -37.01 10.44 -0.80
C GLY A 289 -37.23 9.09 -1.44
N LEU A 290 -36.56 8.06 -0.95
CA LEU A 290 -36.76 6.70 -1.43
C LEU A 290 -37.72 5.89 -0.56
N GLY A 291 -38.14 6.43 0.57
CA GLY A 291 -39.11 5.74 1.41
C GLY A 291 -38.79 5.72 2.89
N LEU A 292 -37.59 6.17 3.27
CA LEU A 292 -37.17 6.18 4.67
C LEU A 292 -37.61 7.50 5.31
N THR A 293 -38.92 7.62 5.50
CA THR A 293 -39.53 8.87 5.94
C THR A 293 -39.63 8.97 7.46
N GLU A 294 -40.09 7.91 8.13
CA GLU A 294 -40.32 7.99 9.57
C GLU A 294 -39.02 8.02 10.36
N ALA A 295 -37.95 7.41 9.82
CA ALA A 295 -36.70 7.33 10.56
C ALA A 295 -36.06 8.70 10.79
N ILE A 296 -36.36 9.67 9.92
CA ILE A 296 -35.77 10.99 10.01
C ILE A 296 -36.70 12.00 10.69
N ASP A 297 -37.92 11.61 11.02
CA ASP A 297 -38.86 12.50 11.68
C ASP A 297 -38.63 12.44 13.18
N LYS A 298 -38.22 13.57 13.78
CA LYS A 298 -37.92 13.60 15.21
C LYS A 298 -39.15 13.31 16.06
N ASN A 299 -40.35 13.51 15.53
CA ASN A 299 -41.57 13.29 16.30
C ASN A 299 -42.16 11.91 16.11
N LYS A 300 -41.81 11.21 15.03
CA LYS A 300 -42.40 9.92 14.72
C LYS A 300 -41.41 8.76 14.66
N ALA A 301 -40.11 9.04 14.72
CA ALA A 301 -39.12 7.98 14.57
C ALA A 301 -39.22 6.97 15.72
N ASP A 302 -39.15 5.69 15.37
CA ASP A 302 -39.13 4.60 16.34
C ASP A 302 -37.78 3.90 16.21
N LEU A 303 -36.78 4.42 16.91
CA LEU A 303 -35.48 3.78 17.06
C LEU A 303 -35.31 3.24 18.47
N SER A 304 -36.39 2.67 19.03
CA SER A 304 -36.41 2.30 20.44
C SER A 304 -35.45 1.16 20.75
N ARG A 305 -35.13 0.32 19.76
CA ARG A 305 -34.16 -0.75 20.02
C ARG A 305 -32.75 -0.20 20.24
N MET A 306 -32.49 1.03 19.81
CA MET A 306 -31.16 1.62 20.00
C MET A 306 -30.93 2.02 21.45
N SER A 307 -31.96 2.58 22.10
CA SER A 307 -31.81 3.13 23.45
C SER A 307 -32.77 2.53 24.47
N GLY A 308 -33.88 1.93 24.05
CA GLY A 308 -34.82 1.29 24.95
C GLY A 308 -36.16 1.99 25.05
N LYS A 309 -36.20 3.32 24.88
CA LYS A 309 -37.42 4.06 25.13
C LYS A 309 -37.66 5.17 24.10
N LYS A 310 -37.27 4.94 22.85
CA LYS A 310 -37.65 5.81 21.73
C LYS A 310 -37.13 7.24 21.94
N ASP A 311 -35.81 7.37 21.84
CA ASP A 311 -35.16 8.65 22.08
C ASP A 311 -34.50 9.26 20.85
N LEU A 312 -34.15 8.46 19.84
CA LEU A 312 -33.32 8.92 18.75
C LEU A 312 -34.09 8.99 17.44
N TYR A 313 -33.55 9.76 16.51
CA TYR A 313 -34.00 9.80 15.13
C TYR A 313 -32.80 9.96 14.23
N LEU A 314 -32.91 9.46 13.01
CA LEU A 314 -31.80 9.46 12.06
C LEU A 314 -31.62 10.87 11.51
N ALA A 315 -30.61 11.58 12.02
CA ALA A 315 -30.33 12.95 11.58
C ALA A 315 -29.45 13.00 10.35
N SER A 316 -28.45 12.13 10.26
CA SER A 316 -27.52 12.15 9.13
C SER A 316 -26.98 10.75 8.89
N VAL A 317 -26.77 10.43 7.62
CA VAL A 317 -26.12 9.18 7.20
C VAL A 317 -24.92 9.60 6.36
N PHE A 318 -23.77 9.77 7.01
CA PHE A 318 -22.58 10.27 6.34
C PHE A 318 -21.90 9.17 5.55
N HIS A 319 -21.69 9.41 4.26
CA HIS A 319 -21.02 8.48 3.35
C HIS A 319 -19.76 9.18 2.85
N ALA A 320 -18.64 8.94 3.51
CA ALA A 320 -17.38 9.62 3.24
C ALA A 320 -16.36 8.63 2.70
N THR A 321 -15.76 8.96 1.55
CA THR A 321 -14.86 8.06 0.85
C THR A 321 -13.65 8.81 0.32
N ALA A 322 -12.50 8.15 0.37
CA ALA A 322 -11.27 8.64 -0.28
C ALA A 322 -10.89 7.63 -1.35
N PHE A 323 -11.06 8.02 -2.62
CA PHE A 323 -10.79 7.15 -3.75
C PHE A 323 -9.48 7.61 -4.40
N GLU A 324 -8.44 6.80 -4.26
CA GLU A 324 -7.11 7.14 -4.75
C GLU A 324 -6.88 6.46 -6.10
N TRP A 325 -6.57 7.26 -7.11
CA TRP A 325 -6.10 6.74 -8.40
C TRP A 325 -4.57 6.78 -8.38
N ASP A 326 -3.95 5.62 -8.60
CA ASP A 326 -2.50 5.50 -8.52
C ASP A 326 -2.01 4.54 -9.59
N THR A 327 -0.70 4.58 -9.83
CA THR A 327 -0.07 3.74 -10.84
C THR A 327 0.19 2.32 -10.35
N GLU A 328 0.19 2.10 -9.03
CA GLU A 328 0.60 0.82 -8.48
C GLU A 328 -0.32 -0.30 -8.96
N GLY A 329 0.30 -1.41 -9.33
CA GLY A 329 -0.45 -2.57 -9.77
C GLY A 329 0.44 -3.79 -9.82
N ASN A 330 -0.09 -4.85 -10.39
CA ASN A 330 0.70 -6.07 -10.47
C ASN A 330 1.73 -5.96 -11.61
N PRO A 331 2.94 -6.46 -11.39
CA PRO A 331 3.92 -6.50 -12.49
C PRO A 331 3.51 -7.55 -13.51
N PHE A 332 3.37 -7.12 -14.76
CA PHE A 332 2.96 -8.00 -15.84
C PHE A 332 4.18 -8.48 -16.62
N ASP A 333 4.15 -9.75 -17.01
CA ASP A 333 5.17 -10.27 -17.92
C ASP A 333 5.15 -9.47 -19.22
N GLN A 334 6.17 -9.71 -20.05
CA GLN A 334 6.32 -9.05 -21.33
C GLN A 334 4.99 -8.95 -22.07
N ASP A 335 4.79 -7.82 -22.75
CA ASP A 335 3.78 -7.75 -23.80
C ASP A 335 4.49 -7.60 -25.13
N ILE A 336 5.31 -8.58 -25.47
CA ILE A 336 6.20 -8.50 -26.63
C ILE A 336 5.56 -9.10 -27.86
N TYR A 337 4.74 -10.14 -27.72
CA TYR A 337 3.87 -10.58 -28.82
C TYR A 337 2.54 -9.83 -28.79
N GLY A 338 2.62 -8.52 -28.60
CA GLY A 338 1.46 -7.67 -28.52
C GLY A 338 1.83 -6.21 -28.52
N GLU A 340 3.90 -3.94 -32.08
CA GLU A 340 3.24 -2.88 -32.81
C GLU A 340 1.72 -2.96 -32.68
N GLU A 341 1.26 -3.85 -31.80
CA GLU A 341 -0.17 -3.89 -31.49
C GLU A 341 -0.60 -2.59 -30.85
N LEU A 342 0.22 -2.07 -29.94
CA LEU A 342 -0.06 -0.83 -29.24
C LEU A 342 0.53 0.38 -29.96
N ARG A 343 0.78 0.26 -31.26
CA ARG A 343 1.42 1.35 -32.00
C ARG A 343 0.43 2.50 -32.25
N SER A 344 -0.78 2.17 -32.71
CA SER A 344 -1.84 3.15 -32.95
C SER A 344 -3.05 2.75 -32.12
N PRO A 345 -3.00 2.95 -30.81
CA PRO A 345 -4.10 2.52 -29.95
C PRO A 345 -5.24 3.53 -29.95
N LYS A 346 -6.42 3.04 -29.59
CA LYS A 346 -7.53 3.94 -29.33
C LYS A 346 -7.23 4.78 -28.09
N LEU A 347 -7.58 6.06 -28.16
CA LEU A 347 -7.33 6.98 -27.06
C LEU A 347 -8.54 6.98 -26.13
N PHE A 348 -8.29 6.68 -24.86
CA PHE A 348 -9.26 6.91 -23.79
C PHE A 348 -8.71 8.05 -22.94
N TYR A 349 -8.83 9.26 -23.46
CA TYR A 349 -8.24 10.46 -22.86
C TYR A 349 -9.26 11.07 -21.90
N ALA A 350 -9.13 10.74 -20.62
CA ALA A 350 -10.12 11.15 -19.62
C ALA A 350 -9.72 12.48 -18.98
N ASP A 351 -9.91 13.55 -19.76
CA ASP A 351 -9.67 14.90 -19.28
C ASP A 351 -10.97 15.70 -19.17
N HIS A 352 -12.09 15.01 -19.00
CA HIS A 352 -13.38 15.61 -18.75
C HIS A 352 -14.23 14.62 -17.96
N PRO A 353 -15.32 15.07 -17.33
CA PRO A 353 -16.03 14.21 -16.39
C PRO A 353 -16.45 12.87 -16.98
N PHE A 354 -16.37 11.84 -16.14
CA PHE A 354 -16.72 10.48 -16.54
C PHE A 354 -17.41 9.76 -15.38
N ILE A 355 -18.17 8.73 -15.73
CA ILE A 355 -18.81 7.84 -14.77
C ILE A 355 -17.99 6.56 -14.67
N PHE A 356 -17.76 6.09 -13.44
CA PHE A 356 -17.02 4.87 -13.22
C PHE A 356 -17.75 3.99 -12.22
N LEU A 357 -17.49 2.69 -12.31
CA LEU A 357 -18.05 1.72 -11.36
C LEU A 357 -17.07 0.56 -11.22
N VAL A 358 -17.10 -0.07 -10.06
CA VAL A 358 -16.25 -1.22 -9.75
C VAL A 358 -17.14 -2.43 -9.58
N ARG A 359 -16.87 -3.48 -10.36
CA ARG A 359 -17.70 -4.68 -10.38
C ARG A 359 -16.87 -5.89 -9.97
N ASP A 360 -17.44 -6.71 -9.09
CA ASP A 360 -16.82 -7.99 -8.74
C ASP A 360 -16.97 -8.97 -9.90
N THR A 361 -15.87 -9.64 -10.24
CA THR A 361 -15.89 -10.53 -11.40
C THR A 361 -16.66 -11.81 -11.12
N GLN A 362 -16.55 -12.33 -9.89
CA GLN A 362 -17.18 -13.62 -9.57
C GLN A 362 -18.69 -13.49 -9.53
N SER A 363 -19.20 -12.53 -8.75
CA SER A 363 -20.64 -12.41 -8.51
C SER A 363 -21.30 -11.32 -9.34
N GLY A 364 -20.54 -10.41 -9.94
CA GLY A 364 -21.13 -9.29 -10.62
C GLY A 364 -21.69 -8.22 -9.71
N SER A 365 -21.42 -8.33 -8.39
CA SER A 365 -21.96 -7.38 -7.44
C SER A 365 -21.22 -6.06 -7.51
N LEU A 366 -21.96 -4.97 -7.31
CA LEU A 366 -21.40 -3.63 -7.42
C LEU A 366 -20.60 -3.30 -6.17
N LEU A 367 -19.29 -3.09 -6.33
CA LEU A 367 -18.45 -2.66 -5.23
C LEU A 367 -18.42 -1.15 -5.09
N PHE A 368 -18.55 -0.42 -6.19
CA PHE A 368 -18.48 1.03 -6.16
C PHE A 368 -19.20 1.60 -7.38
N ILE A 369 -19.81 2.76 -7.19
CA ILE A 369 -20.42 3.52 -8.27
C ILE A 369 -20.20 5.00 -7.97
N GLY A 370 -19.86 5.77 -8.99
CA GLY A 370 -19.63 7.18 -8.79
C GLY A 370 -19.20 7.86 -10.07
N ARG A 371 -18.78 9.11 -9.91
CA ARG A 371 -18.38 9.94 -11.04
C ARG A 371 -17.36 10.96 -10.57
N LEU A 372 -16.53 11.41 -11.50
CA LEU A 372 -15.51 12.43 -11.24
C LEU A 372 -15.80 13.62 -12.16
N VAL A 373 -16.36 14.68 -11.60
CA VAL A 373 -16.67 15.87 -12.37
C VAL A 373 -15.71 17.02 -12.07
N ARG A 374 -15.10 17.06 -10.88
CA ARG A 374 -14.19 18.13 -10.50
C ARG A 374 -13.08 17.54 -9.64
N PRO A 375 -11.92 17.24 -10.24
CA PRO A 375 -10.81 16.71 -9.46
C PRO A 375 -10.09 17.79 -8.69
N LYS A 376 -8.90 17.48 -8.17
CA LYS A 376 -8.10 18.44 -7.41
C LYS A 376 -6.64 18.24 -7.76
N GLY A 377 -5.92 19.35 -7.87
CA GLY A 377 -4.50 19.31 -8.21
C GLY A 377 -3.69 20.39 -7.52
N MET B 1 3.92 -27.48 3.54
CA MET B 1 3.79 -26.99 2.18
C MET B 1 5.08 -27.18 1.38
N LEU B 2 6.12 -26.47 1.81
CA LEU B 2 7.39 -26.48 1.09
C LEU B 2 7.88 -27.90 0.86
N SER B 3 8.25 -28.19 -0.38
CA SER B 3 8.77 -29.51 -0.72
C SER B 3 10.06 -29.78 0.05
N PRO B 4 10.38 -31.06 0.30
CA PRO B 4 11.59 -31.36 1.07
C PRO B 4 12.86 -30.72 0.53
N LYS B 5 13.00 -30.61 -0.79
CA LYS B 5 14.17 -29.95 -1.36
C LYS B 5 14.15 -28.45 -1.07
N ALA B 6 12.96 -27.84 -1.12
CA ALA B 6 12.87 -26.41 -0.85
C ALA B 6 13.07 -26.10 0.63
N ALA B 7 12.48 -26.93 1.51
CA ALA B 7 12.65 -26.71 2.95
C ALA B 7 14.11 -26.89 3.35
N THR B 8 14.82 -27.81 2.70
CA THR B 8 16.24 -27.97 2.96
C THR B 8 17.03 -26.77 2.46
N LEU B 9 16.68 -26.27 1.27
CA LEU B 9 17.37 -25.10 0.73
C LEU B 9 17.02 -23.84 1.52
N ALA B 10 15.84 -23.79 2.13
CA ALA B 10 15.44 -22.62 2.90
C ALA B 10 16.32 -22.43 4.13
N GLU B 11 16.62 -23.53 4.83
CA GLU B 11 17.48 -23.43 6.01
C GLU B 11 18.89 -23.03 5.64
N ARG B 12 19.44 -23.61 4.57
CA ARG B 12 20.78 -23.24 4.13
C ARG B 12 20.80 -21.82 3.57
N SER B 13 19.68 -21.34 3.03
CA SER B 13 19.58 -19.93 2.67
C SER B 13 19.80 -19.04 3.89
N ALA B 14 19.19 -19.40 5.02
CA ALA B 14 19.37 -18.65 6.25
C ALA B 14 20.80 -18.79 6.76
N GLY B 15 21.34 -20.01 6.73
CA GLY B 15 22.71 -20.22 7.19
C GLY B 15 23.72 -19.46 6.35
N LEU B 16 23.49 -19.39 5.05
CA LEU B 16 24.36 -18.59 4.19
C LEU B 16 24.16 -17.11 4.41
N ALA B 17 22.90 -16.68 4.54
CA ALA B 17 22.63 -15.27 4.80
C ALA B 17 23.23 -14.82 6.12
N PHE B 18 23.19 -15.68 7.13
CA PHE B 18 23.76 -15.33 8.43
C PHE B 18 25.28 -15.23 8.35
N SER B 19 25.92 -16.19 7.68
CA SER B 19 27.37 -16.11 7.48
C SER B 19 27.73 -14.88 6.66
N LEU B 20 26.90 -14.55 5.67
CA LEU B 20 27.09 -13.31 4.92
C LEU B 20 26.88 -12.09 5.80
N TYR B 21 25.97 -12.17 6.76
CA TYR B 21 25.76 -11.06 7.69
C TYR B 21 27.01 -10.82 8.52
N GLN B 22 27.58 -11.88 9.10
CA GLN B 22 28.78 -11.74 9.92
C GLN B 22 29.97 -11.27 9.08
N ALA B 23 30.11 -11.81 7.87
CA ALA B 23 31.22 -11.40 7.00
C ALA B 23 31.13 -9.93 6.63
N MET B 24 29.91 -9.39 6.50
CA MET B 24 29.75 -7.98 6.20
C MET B 24 29.83 -7.12 7.45
N ALA B 25 29.44 -7.67 8.60
CA ALA B 25 29.52 -6.92 9.84
C ALA B 25 30.96 -6.64 10.24
N LYS B 26 31.90 -7.50 9.83
CA LYS B 26 33.30 -7.24 10.11
C LYS B 26 33.84 -6.06 9.31
N ASP B 27 33.29 -5.83 8.12
CA ASP B 27 33.73 -4.72 7.29
C ASP B 27 33.38 -3.39 7.95
N GLN B 28 34.39 -2.55 8.17
CA GLN B 28 34.19 -1.25 8.82
C GLN B 28 33.52 -0.23 7.91
N ALA B 29 33.47 -0.48 6.60
CA ALA B 29 32.78 0.41 5.66
C ALA B 29 31.30 0.08 5.53
N VAL B 30 30.83 -0.99 6.17
CA VAL B 30 29.43 -1.40 6.09
C VAL B 30 28.67 -0.75 7.24
N GLU B 31 27.58 -0.05 6.90
CA GLU B 31 26.76 0.60 7.91
C GLU B 31 25.48 -0.21 8.04
N ASN B 32 24.44 0.07 7.27
CA ASN B 32 23.21 -0.71 7.33
C ASN B 32 23.37 -2.01 6.54
N ILE B 33 22.68 -3.05 7.01
CA ILE B 33 22.70 -4.36 6.37
C ILE B 33 21.27 -4.78 6.09
N LEU B 34 21.06 -5.42 4.93
CA LEU B 34 19.75 -5.94 4.57
C LEU B 34 19.97 -7.09 3.59
N LEU B 35 19.55 -8.30 3.99
CA LEU B 35 19.78 -9.49 3.19
C LEU B 35 18.51 -10.31 3.09
N SER B 36 18.16 -10.72 1.87
CA SER B 36 17.10 -11.69 1.66
C SER B 36 17.74 -13.05 1.43
N PRO B 37 17.58 -14.02 2.32
CA PRO B 37 18.34 -15.27 2.20
C PRO B 37 18.13 -16.01 0.88
N VAL B 38 16.90 -16.06 0.38
CA VAL B 38 16.66 -16.79 -0.86
C VAL B 38 17.13 -16.00 -2.07
N VAL B 39 17.08 -14.66 -2.02
CA VAL B 39 17.61 -13.87 -3.11
C VAL B 39 19.12 -14.02 -3.19
N VAL B 40 19.78 -14.02 -2.03
CA VAL B 40 21.21 -14.32 -2.00
C VAL B 40 21.45 -15.75 -2.49
N ALA B 41 20.55 -16.67 -2.15
CA ALA B 41 20.70 -18.05 -2.59
C ALA B 41 20.53 -18.18 -4.10
N SER B 42 19.47 -17.58 -4.65
CA SER B 42 19.24 -17.63 -6.08
C SER B 42 20.37 -17.01 -6.88
N SER B 43 21.13 -16.10 -6.26
CA SER B 43 22.34 -15.60 -6.91
C SER B 43 23.37 -16.70 -7.07
N LEU B 44 23.48 -17.60 -6.08
CA LEU B 44 24.42 -18.71 -6.18
C LEU B 44 23.94 -19.75 -7.18
N GLY B 45 22.64 -20.04 -7.18
CA GLY B 45 22.09 -20.96 -8.16
C GLY B 45 22.19 -20.44 -9.58
N LEU B 46 22.15 -19.12 -9.75
CA LEU B 46 22.33 -18.54 -11.08
C LEU B 46 23.74 -18.75 -11.59
N VAL B 47 24.73 -18.71 -10.70
CA VAL B 47 26.11 -18.94 -11.11
C VAL B 47 26.30 -20.38 -11.54
N SER B 48 25.73 -21.32 -10.80
CA SER B 48 25.86 -22.73 -11.16
C SER B 48 25.13 -23.04 -12.46
N LEU B 49 24.00 -22.38 -12.69
CA LEU B 49 23.25 -22.61 -13.93
C LEU B 49 24.01 -22.08 -15.14
N GLY B 50 24.68 -20.94 -14.99
CA GLY B 50 25.43 -20.34 -16.06
C GLY B 50 26.86 -20.78 -16.17
N GLY B 51 27.38 -21.54 -15.20
CA GLY B 51 28.74 -21.99 -15.20
C GLY B 51 28.85 -23.50 -15.35
N LYS B 52 30.10 -23.96 -15.27
CA LYS B 52 30.40 -25.38 -15.37
C LYS B 52 31.73 -25.65 -14.67
N ALA B 53 32.09 -26.92 -14.59
CA ALA B 53 33.35 -27.39 -14.01
C ALA B 53 33.40 -26.91 -12.56
N THR B 54 34.47 -26.25 -12.13
CA THR B 54 34.61 -25.84 -10.73
C THR B 54 33.95 -24.50 -10.43
N THR B 55 33.68 -23.67 -11.44
CA THR B 55 32.96 -22.42 -11.20
C THR B 55 31.56 -22.71 -10.69
N ALA B 56 30.88 -23.69 -11.27
CA ALA B 56 29.54 -24.06 -10.82
C ALA B 56 29.59 -24.85 -9.51
N SER B 57 30.58 -25.73 -9.36
CA SER B 57 30.69 -26.51 -8.13
C SER B 57 31.07 -25.63 -6.95
N GLN B 58 31.77 -24.52 -7.20
CA GLN B 58 32.05 -23.57 -6.12
C GLN B 58 30.77 -22.90 -5.65
N ALA B 59 29.86 -22.58 -6.57
CA ALA B 59 28.59 -21.99 -6.19
C ALA B 59 27.74 -22.98 -5.40
N LYS B 60 27.71 -24.25 -5.84
CA LYS B 60 26.98 -25.27 -5.10
C LYS B 60 27.60 -25.53 -3.74
N ALA B 61 28.90 -25.31 -3.59
CA ALA B 61 29.56 -25.54 -2.30
C ALA B 61 29.16 -24.49 -1.28
N VAL B 62 29.10 -23.22 -1.69
CA VAL B 62 28.72 -22.15 -0.78
C VAL B 62 27.28 -22.31 -0.31
N LEU B 63 26.44 -22.95 -1.13
CA LEU B 63 25.07 -23.25 -0.76
C LEU B 63 24.91 -24.64 -0.16
N SER B 64 26.03 -25.35 0.09
CA SER B 64 26.04 -26.61 0.82
C SER B 64 25.02 -27.60 0.26
N ALA B 65 24.95 -27.70 -1.06
CA ALA B 65 24.05 -28.63 -1.74
C ALA B 65 24.84 -29.59 -2.61
N GLU B 66 25.94 -30.12 -2.07
CA GLU B 66 26.83 -30.97 -2.86
C GLU B 66 26.14 -32.27 -3.26
N GLN B 67 25.55 -32.98 -2.30
CA GLN B 67 24.84 -34.24 -2.57
C GLN B 67 23.52 -34.02 -3.31
N LEU B 68 23.30 -32.81 -3.81
CA LEU B 68 22.06 -32.42 -4.47
C LEU B 68 22.33 -32.30 -5.96
N ARG B 69 21.46 -32.92 -6.78
CA ARG B 69 21.66 -32.91 -8.21
C ARG B 69 21.47 -31.51 -8.79
N ASP B 70 22.02 -31.31 -9.99
CA ASP B 70 22.03 -29.96 -10.58
C ASP B 70 20.63 -29.45 -10.85
N GLU B 71 19.69 -30.32 -11.22
CA GLU B 71 18.37 -29.87 -11.65
C GLU B 71 17.46 -29.49 -10.50
N GLU B 72 17.77 -29.89 -9.27
CA GLU B 72 16.82 -29.69 -8.17
C GLU B 72 16.97 -28.33 -7.49
N VAL B 73 18.17 -27.77 -7.40
CA VAL B 73 18.31 -26.46 -6.75
C VAL B 73 17.57 -25.39 -7.54
N HIS B 74 17.63 -25.46 -8.88
CA HIS B 74 16.93 -24.48 -9.69
C HIS B 74 15.42 -24.60 -9.52
N ALA B 75 14.92 -25.82 -9.30
CA ALA B 75 13.51 -26.00 -9.00
C ALA B 75 13.21 -25.70 -7.54
N GLY B 76 14.14 -26.04 -6.64
CA GLY B 76 13.93 -25.76 -5.22
C GLY B 76 14.00 -24.28 -4.92
N LEU B 77 15.04 -23.60 -5.40
CA LEU B 77 15.14 -22.16 -5.21
C LEU B 77 14.05 -21.43 -5.97
N GLY B 78 13.68 -21.93 -7.15
CA GLY B 78 12.56 -21.36 -7.87
C GLY B 78 11.25 -21.52 -7.11
N GLU B 79 11.05 -22.67 -6.47
CA GLU B 79 9.92 -22.84 -5.58
C GLU B 79 10.00 -21.89 -4.39
N LEU B 80 11.22 -21.60 -3.92
CA LEU B 80 11.37 -20.69 -2.80
C LEU B 80 11.14 -19.24 -3.21
N LEU B 81 11.45 -18.88 -4.45
CA LEU B 81 11.20 -17.51 -4.91
C LEU B 81 9.70 -17.23 -5.03
N ARG B 82 8.91 -18.23 -5.41
CA ARG B 82 7.47 -18.04 -5.51
C ARG B 82 6.77 -18.23 -4.17
N SER B 83 7.42 -18.87 -3.20
CA SER B 83 6.75 -19.13 -1.93
C SER B 83 6.53 -17.85 -1.13
N LEU B 84 7.36 -16.82 -1.37
CA LEU B 84 7.22 -15.56 -0.64
C LEU B 84 6.36 -14.54 -1.38
N SER B 85 6.19 -14.69 -2.69
CA SER B 85 5.44 -13.73 -3.50
C SER B 85 3.94 -13.82 -3.28
N ASN B 86 3.50 -13.96 -2.03
CA ASN B 86 2.09 -14.01 -1.67
C ASN B 86 1.96 -13.63 -0.20
N SER B 87 0.75 -13.77 0.33
CA SER B 87 0.49 -13.43 1.73
C SER B 87 1.25 -14.37 2.68
N THR B 93 3.57 -6.06 1.81
CA THR B 93 3.88 -5.70 0.43
C THR B 93 5.34 -5.97 0.12
N TRP B 94 5.59 -6.54 -1.07
CA TRP B 94 6.93 -7.01 -1.42
C TRP B 94 7.06 -7.10 -2.92
N LYS B 95 8.14 -6.54 -3.47
CA LYS B 95 8.41 -6.58 -4.90
C LYS B 95 9.88 -6.89 -5.11
N LEU B 96 10.18 -7.70 -6.12
CA LEU B 96 11.54 -8.15 -6.39
C LEU B 96 11.78 -8.23 -7.88
N GLY B 97 13.00 -7.86 -8.30
CA GLY B 97 13.41 -7.99 -9.68
C GLY B 97 14.84 -8.48 -9.80
N SER B 98 15.09 -9.35 -10.78
CA SER B 98 16.43 -9.86 -11.04
C SER B 98 16.77 -9.60 -12.51
N ARG B 99 18.00 -9.14 -12.75
CA ARG B 99 18.42 -8.82 -14.11
C ARG B 99 19.93 -9.01 -14.22
N LEU B 100 20.36 -9.68 -15.28
CA LEU B 100 21.76 -9.90 -15.58
C LEU B 100 22.23 -8.88 -16.60
N TYR B 101 23.22 -8.08 -16.25
CA TYR B 101 23.77 -7.04 -17.11
C TYR B 101 25.13 -7.48 -17.64
N GLY B 102 25.30 -7.43 -18.95
CA GLY B 102 26.56 -7.77 -19.58
C GLY B 102 26.96 -6.76 -20.63
N PRO B 103 28.16 -6.90 -21.18
CA PRO B 103 28.62 -5.95 -22.20
C PRO B 103 27.70 -5.91 -23.41
N SER B 104 27.77 -4.80 -24.14
CA SER B 104 26.81 -4.54 -25.21
C SER B 104 26.97 -5.52 -26.37
N SER B 105 28.17 -6.06 -26.57
CA SER B 105 28.46 -6.95 -27.69
C SER B 105 28.63 -8.40 -27.25
N VAL B 106 27.92 -8.81 -26.20
CA VAL B 106 28.02 -10.16 -25.66
C VAL B 106 26.62 -10.77 -25.60
N SER B 107 26.43 -11.86 -26.33
CA SER B 107 25.16 -12.58 -26.32
C SER B 107 25.22 -13.72 -25.32
N PHE B 108 24.06 -14.05 -24.75
CA PHE B 108 23.93 -15.16 -23.82
C PHE B 108 23.40 -16.40 -24.55
N ALA B 109 23.75 -17.57 -24.02
CA ALA B 109 23.36 -18.81 -24.65
C ALA B 109 21.85 -19.04 -24.53
N GLU B 110 21.32 -19.87 -25.43
CA GLU B 110 19.88 -20.09 -25.49
C GLU B 110 19.38 -20.82 -24.25
N ASP B 111 20.14 -21.82 -23.78
CA ASP B 111 19.67 -22.64 -22.66
C ASP B 111 19.67 -21.85 -21.36
N PHE B 112 20.64 -20.95 -21.18
CA PHE B 112 20.70 -20.17 -19.95
C PHE B 112 19.56 -19.16 -19.87
N VAL B 113 19.25 -18.51 -21.00
CA VAL B 113 18.19 -17.49 -21.00
C VAL B 113 16.85 -18.10 -20.67
N ARG B 114 16.57 -19.29 -21.21
CA ARG B 114 15.29 -19.94 -20.95
C ARG B 114 15.21 -20.44 -19.51
N SER B 115 16.31 -20.93 -18.96
CA SER B 115 16.29 -21.50 -17.61
C SER B 115 16.33 -20.42 -16.53
N SER B 116 17.19 -19.42 -16.69
CA SER B 116 17.28 -18.35 -15.70
C SER B 116 16.00 -17.53 -15.62
N LYS B 117 15.20 -17.52 -16.70
CA LYS B 117 13.90 -16.85 -16.65
C LYS B 117 12.82 -17.74 -16.07
N GLN B 118 12.92 -19.06 -16.28
CA GLN B 118 11.88 -19.97 -15.80
C GLN B 118 11.98 -20.17 -14.30
N HIS B 119 13.19 -20.32 -13.76
CA HIS B 119 13.37 -20.65 -12.36
C HIS B 119 13.61 -19.43 -11.48
N TYR B 120 14.28 -18.39 -11.99
CA TYR B 120 14.65 -17.25 -11.16
C TYR B 120 13.99 -15.94 -11.60
N ASN B 121 13.19 -15.96 -12.67
CA ASN B 121 12.60 -14.74 -13.23
C ASN B 121 13.68 -13.70 -13.51
N CYS B 122 14.83 -14.18 -14.00
CA CYS B 122 15.98 -13.34 -14.27
C CYS B 122 16.10 -13.12 -15.77
N GLU B 123 16.25 -11.87 -16.19
CA GLU B 123 16.36 -11.52 -17.58
C GLU B 123 17.75 -10.97 -17.88
N HIS B 124 18.11 -10.99 -19.17
CA HIS B 124 19.39 -10.51 -19.64
C HIS B 124 19.24 -9.15 -20.30
N SER B 125 20.26 -8.30 -20.13
CA SER B 125 20.23 -6.94 -20.67
C SER B 125 21.64 -6.56 -21.11
N LYS B 126 21.82 -6.35 -22.42
CA LYS B 126 23.07 -5.83 -22.93
C LYS B 126 23.15 -4.34 -22.68
N ILE B 127 24.30 -3.87 -22.21
CA ILE B 127 24.45 -2.49 -21.76
C ILE B 127 25.87 -2.04 -22.04
N ASN B 128 26.00 -0.78 -22.44
CA ASN B 128 27.29 -0.18 -22.77
C ASN B 128 27.99 0.24 -21.48
N PHE B 129 28.87 -0.63 -20.98
CA PHE B 129 29.62 -0.35 -19.77
C PHE B 129 30.63 0.78 -19.94
N ARG B 130 30.87 1.23 -21.18
CA ARG B 130 31.84 2.28 -21.45
C ARG B 130 31.22 3.67 -21.51
N ASP B 131 29.89 3.77 -21.55
CA ASP B 131 29.19 5.04 -21.35
C ASP B 131 28.66 5.00 -19.92
N LYS B 132 29.45 5.56 -18.99
CA LYS B 132 29.20 5.36 -17.57
C LYS B 132 27.86 5.95 -17.14
N ARG B 133 27.54 7.15 -17.63
CA ARG B 133 26.26 7.76 -17.27
C ARG B 133 25.09 6.94 -17.79
N SER B 134 25.16 6.53 -19.06
CA SER B 134 24.09 5.72 -19.63
C SER B 134 24.03 4.33 -19.01
N ALA B 135 25.17 3.81 -18.55
CA ALA B 135 25.18 2.50 -17.93
C ALA B 135 24.48 2.53 -16.57
N LEU B 136 24.78 3.54 -15.76
CA LEU B 136 24.11 3.68 -14.47
C LEU B 136 22.62 3.93 -14.65
N GLN B 137 22.23 4.63 -15.72
CA GLN B 137 20.81 4.91 -15.96
C GLN B 137 20.05 3.62 -16.24
N SER B 138 20.60 2.76 -17.11
CA SER B 138 19.93 1.49 -17.43
C SER B 138 19.76 0.63 -16.18
N ILE B 139 20.67 0.72 -15.22
CA ILE B 139 20.54 -0.05 -14.00
C ILE B 139 19.58 0.64 -13.03
N ASN B 140 19.71 1.96 -12.87
CA ASN B 140 18.88 2.67 -11.91
C ASN B 140 17.43 2.74 -12.35
N GLU B 141 17.19 2.96 -13.64
CA GLU B 141 15.82 3.07 -14.12
C GLU B 141 15.07 1.75 -13.97
N TRP B 142 15.73 0.62 -14.23
CA TRP B 142 15.07 -0.67 -14.10
C TRP B 142 14.75 -0.96 -12.63
N ALA B 143 15.66 -0.63 -11.72
CA ALA B 143 15.39 -0.83 -10.30
C ALA B 143 14.29 0.11 -9.83
N ALA B 144 14.23 1.32 -10.38
CA ALA B 144 13.20 2.27 -9.99
C ALA B 144 11.81 1.76 -10.35
N GLN B 145 11.65 1.28 -11.59
CA GLN B 145 10.35 0.76 -12.01
C GLN B 145 10.03 -0.56 -11.33
N THR B 146 11.05 -1.34 -10.98
CA THR B 146 10.80 -2.59 -10.25
C THR B 146 10.23 -2.31 -8.87
N THR B 147 10.79 -1.32 -8.17
CA THR B 147 10.34 -0.95 -6.84
C THR B 147 9.36 0.23 -6.86
N ASP B 148 8.88 0.62 -8.04
CA ASP B 148 7.91 1.71 -8.19
C ASP B 148 8.41 2.99 -7.53
N GLY B 149 9.69 3.28 -7.72
CA GLY B 149 10.29 4.50 -7.20
C GLY B 149 10.82 4.39 -5.78
N LYS B 150 10.54 3.30 -5.07
CA LYS B 150 11.01 3.17 -3.70
C LYS B 150 12.53 3.03 -3.63
N LEU B 151 13.14 2.43 -4.65
CA LEU B 151 14.59 2.27 -4.74
C LEU B 151 15.05 3.01 -6.00
N PRO B 152 15.20 4.33 -5.93
CA PRO B 152 15.52 5.11 -7.14
C PRO B 152 16.94 4.90 -7.65
N GLU B 153 17.84 4.30 -6.87
CA GLU B 153 19.22 4.16 -7.29
C GLU B 153 19.80 2.87 -6.74
N VAL B 154 20.49 2.12 -7.61
CA VAL B 154 21.23 0.94 -7.19
C VAL B 154 22.65 1.31 -6.79
N THR B 155 23.38 1.99 -7.66
CA THR B 155 24.74 2.40 -7.36
C THR B 155 25.07 3.65 -8.17
N LYS B 156 25.99 4.45 -7.64
CA LYS B 156 26.42 5.68 -8.30
C LYS B 156 27.65 5.49 -9.17
N ASP B 157 28.22 4.28 -9.18
CA ASP B 157 29.44 4.02 -9.95
C ASP B 157 29.54 2.51 -10.15
N VAL B 158 29.75 2.10 -11.40
CA VAL B 158 29.97 0.69 -11.72
C VAL B 158 31.44 0.52 -12.09
N GLU B 159 32.01 -0.58 -11.62
CA GLU B 159 33.45 -0.71 -11.41
C GLU B 159 34.16 -1.43 -12.55
N ARG B 160 34.31 -2.75 -12.43
CA ARG B 160 34.89 -3.55 -13.50
C ARG B 160 33.89 -3.65 -14.64
N THR B 161 34.18 -2.99 -15.75
CA THR B 161 33.24 -2.80 -16.86
C THR B 161 33.44 -3.79 -17.99
N ASP B 162 33.70 -5.06 -17.68
CA ASP B 162 33.83 -6.08 -18.72
C ASP B 162 33.29 -7.44 -18.28
N GLY B 163 32.57 -7.51 -17.17
CA GLY B 163 31.98 -8.75 -16.71
C GLY B 163 30.47 -8.66 -16.59
N ALA B 164 29.88 -9.79 -16.20
CA ALA B 164 28.43 -9.86 -15.99
C ALA B 164 28.07 -9.32 -14.62
N LEU B 165 26.96 -8.59 -14.56
CA LEU B 165 26.52 -7.93 -13.33
C LEU B 165 25.13 -8.43 -12.97
N LEU B 166 25.04 -9.11 -11.82
CA LEU B 166 23.77 -9.59 -11.29
C LEU B 166 23.19 -8.54 -10.36
N VAL B 167 22.03 -8.00 -10.70
CA VAL B 167 21.38 -6.94 -9.95
C VAL B 167 20.06 -7.46 -9.40
N ASN B 168 19.85 -7.30 -8.10
CA ASN B 168 18.61 -7.66 -7.43
C ASN B 168 18.06 -6.43 -6.75
N ALA B 169 16.86 -6.00 -7.16
CA ALA B 169 16.22 -4.81 -6.62
C ALA B 169 14.95 -5.24 -5.90
N MET B 170 14.85 -4.90 -4.61
CA MET B 170 13.74 -5.32 -3.78
C MET B 170 13.09 -4.12 -3.10
N PHE B 171 11.84 -4.30 -2.71
CA PHE B 171 11.14 -3.39 -1.81
C PHE B 171 10.31 -4.22 -0.84
N PHE B 172 10.48 -3.97 0.45
CA PHE B 172 9.72 -4.68 1.47
C PHE B 172 9.26 -3.68 2.53
N LYS B 173 7.99 -3.78 2.91
CA LYS B 173 7.41 -2.93 3.95
C LYS B 173 6.57 -3.81 4.87
N PRO B 174 7.02 -4.07 6.09
CA PRO B 174 6.25 -4.92 7.00
C PRO B 174 4.89 -4.32 7.31
N HIS B 175 3.87 -5.18 7.25
CA HIS B 175 2.49 -4.82 7.55
C HIS B 175 2.12 -5.44 8.90
N TRP B 176 2.00 -4.59 9.92
CA TRP B 176 1.78 -5.09 11.28
C TRP B 176 0.42 -5.74 11.42
N ASP B 177 0.36 -6.78 12.26
CA ASP B 177 -0.94 -7.34 12.64
C ASP B 177 -1.72 -6.38 13.51
N GLU B 178 -1.04 -5.59 14.32
CA GLU B 178 -1.64 -4.54 15.13
C GLU B 178 -1.02 -3.22 14.71
N LYS B 179 -1.80 -2.39 14.03
CA LYS B 179 -1.25 -1.20 13.38
C LYS B 179 -0.96 -0.10 14.38
N PHE B 180 -0.03 0.77 14.01
CA PHE B 180 0.23 1.99 14.75
C PHE B 180 -0.84 3.03 14.41
N HIS B 181 -1.11 3.92 15.36
CA HIS B 181 -1.91 5.10 15.04
C HIS B 181 -1.10 6.02 14.14
N HIS B 182 -1.68 6.40 13.00
CA HIS B 182 -0.94 7.18 12.01
C HIS B 182 -0.52 8.55 12.52
N LYS B 183 -1.08 9.01 13.64
CA LYS B 183 -0.68 10.28 14.24
C LYS B 183 0.27 10.11 15.42
N MET B 184 0.52 8.88 15.88
CA MET B 184 1.52 8.62 16.89
C MET B 184 2.91 8.78 16.26
N VAL B 185 3.24 10.01 15.86
CA VAL B 185 4.43 10.30 15.06
C VAL B 185 5.00 11.63 15.52
N ASP B 186 6.31 11.65 15.77
CA ASP B 186 6.99 12.90 16.14
C ASP B 186 8.48 12.73 15.88
N ASN B 187 9.22 13.83 16.08
CA ASN B 187 10.66 13.84 15.87
C ASN B 187 11.39 13.47 17.13
N ARG B 188 12.39 12.60 17.00
CA ARG B 188 13.23 12.19 18.12
C ARG B 188 14.68 12.18 17.64
N GLY B 189 15.59 12.11 18.62
CA GLY B 189 17.00 11.98 18.32
C GLY B 189 17.40 10.52 18.26
N PHE B 190 18.09 10.16 17.18
CA PHE B 190 18.64 8.82 17.00
C PHE B 190 20.15 8.92 17.14
N MET B 191 20.69 8.34 18.21
CA MET B 191 22.13 8.36 18.46
C MET B 191 22.77 7.20 17.71
N VAL B 192 23.35 7.51 16.54
CA VAL B 192 24.09 6.49 15.80
C VAL B 192 25.25 5.97 16.65
N THR B 193 25.95 6.87 17.33
CA THR B 193 26.88 6.54 18.39
C THR B 193 26.59 7.45 19.57
N ARG B 194 27.39 7.33 20.64
CA ARG B 194 27.19 8.17 21.80
C ARG B 194 27.51 9.63 21.53
N SER B 195 28.28 9.92 20.47
CA SER B 195 28.67 11.27 20.11
C SER B 195 28.23 11.62 18.69
N TYR B 196 27.06 11.12 18.30
CA TYR B 196 26.54 11.35 16.96
C TYR B 196 25.03 11.09 17.00
N THR B 197 24.24 12.15 16.85
CA THR B 197 22.79 12.05 16.95
C THR B 197 22.15 12.65 15.70
N VAL B 198 21.25 11.88 15.08
CA VAL B 198 20.57 12.28 13.86
C VAL B 198 19.08 12.41 14.15
N GLY B 199 18.48 13.49 13.68
CA GLY B 199 17.04 13.67 13.84
C GLY B 199 16.28 12.68 12.97
N VAL B 200 15.32 11.99 13.57
CA VAL B 200 14.51 11.00 12.88
C VAL B 200 13.03 11.26 13.17
N THR B 201 12.19 10.62 12.37
CA THR B 201 10.77 10.50 12.66
C THR B 201 10.54 9.14 13.31
N MET B 202 9.78 9.11 14.40
CA MET B 202 9.55 7.89 15.14
C MET B 202 8.05 7.65 15.29
N MET B 203 7.65 6.38 15.16
CA MET B 203 6.29 5.94 15.42
C MET B 203 6.26 5.17 16.73
N HIS B 204 5.15 5.28 17.44
CA HIS B 204 5.03 4.70 18.77
C HIS B 204 3.70 3.97 18.90
N ARG B 205 3.75 2.78 19.49
CA ARG B 205 2.55 2.02 19.80
C ARG B 205 2.79 1.21 21.06
N THR B 206 1.74 1.06 21.86
CA THR B 206 1.80 0.28 23.10
C THR B 206 0.78 -0.85 23.02
N GLY B 207 1.27 -2.07 23.15
CA GLY B 207 0.40 -3.23 23.13
C GLY B 207 1.05 -4.40 23.83
N LEU B 208 0.50 -5.59 23.59
CA LEU B 208 1.04 -6.82 24.15
C LEU B 208 1.93 -7.49 23.10
N TYR B 209 3.19 -7.69 23.45
CA TYR B 209 4.16 -8.30 22.54
C TYR B 209 4.97 -9.33 23.29
N ASN B 210 5.44 -10.35 22.57
CA ASN B 210 6.42 -11.26 23.11
C ASN B 210 7.73 -10.50 23.36
N TYR B 211 8.23 -10.58 24.58
CA TYR B 211 9.31 -9.70 25.01
C TYR B 211 10.21 -10.42 26.00
N TYR B 212 11.49 -10.08 25.96
CA TYR B 212 12.44 -10.57 26.94
C TYR B 212 13.58 -9.58 27.08
N ASP B 213 13.98 -9.32 28.33
CA ASP B 213 15.11 -8.44 28.63
C ASP B 213 16.22 -9.29 29.22
N ASP B 214 17.29 -9.49 28.45
CA ASP B 214 18.45 -10.25 28.90
C ASP B 214 19.34 -9.33 29.72
N GLU B 215 19.09 -9.29 31.02
CA GLU B 215 19.86 -8.40 31.90
C GLU B 215 21.30 -8.85 32.07
N LYS B 216 21.60 -10.13 31.83
CA LYS B 216 22.98 -10.59 31.89
C LYS B 216 23.79 -10.02 30.73
N GLU B 217 23.33 -10.25 29.50
CA GLU B 217 24.00 -9.75 28.32
C GLU B 217 23.61 -8.32 27.98
N LYS B 218 22.70 -7.71 28.75
CA LYS B 218 22.31 -6.31 28.58
C LYS B 218 21.78 -6.05 27.17
N LEU B 219 20.61 -6.61 26.90
CA LEU B 219 19.96 -6.41 25.62
C LEU B 219 18.47 -6.70 25.76
N GLN B 220 17.69 -6.11 24.85
CA GLN B 220 16.26 -6.35 24.75
C GLN B 220 15.96 -7.11 23.46
N ILE B 221 14.87 -7.87 23.48
CA ILE B 221 14.41 -8.57 22.29
C ILE B 221 12.89 -8.66 22.33
N VAL B 222 12.23 -8.16 21.28
CA VAL B 222 10.79 -8.11 21.21
C VAL B 222 10.34 -8.73 19.89
N GLU B 223 9.12 -9.28 19.90
CA GLU B 223 8.55 -9.95 18.74
C GLU B 223 7.33 -9.16 18.26
N MET B 224 7.40 -8.66 17.04
CA MET B 224 6.31 -7.91 16.44
C MET B 224 5.64 -8.76 15.37
N PRO B 225 4.45 -9.30 15.62
CA PRO B 225 3.79 -10.11 14.59
C PRO B 225 3.34 -9.26 13.41
N LEU B 226 3.56 -9.79 12.21
CA LEU B 226 3.10 -9.13 11.00
C LEU B 226 1.67 -9.55 10.70
N ALA B 227 1.14 -9.06 9.57
CA ALA B 227 -0.28 -9.22 9.25
C ALA B 227 -0.71 -10.68 9.28
N HIS B 228 -1.79 -10.93 10.03
CA HIS B 228 -2.42 -12.25 10.13
C HIS B 228 -1.51 -13.30 10.77
N LYS B 229 -0.48 -12.85 11.49
CA LYS B 229 0.44 -13.75 12.21
C LYS B 229 1.08 -14.78 11.28
N LEU B 230 1.23 -14.44 10.01
CA LEU B 230 1.94 -15.30 9.07
C LEU B 230 3.44 -15.09 9.10
N SER B 231 3.89 -13.98 9.68
CA SER B 231 5.31 -13.69 9.80
C SER B 231 5.53 -12.87 11.07
N SER B 232 6.79 -12.77 11.48
CA SER B 232 7.15 -12.06 12.70
C SER B 232 8.42 -11.26 12.47
N LEU B 233 8.49 -10.08 13.07
CA LEU B 233 9.68 -9.24 13.05
C LEU B 233 10.26 -9.19 14.47
N ILE B 234 11.45 -9.75 14.63
CA ILE B 234 12.15 -9.76 15.91
C ILE B 234 13.24 -8.69 15.88
N ILE B 235 13.28 -7.85 16.91
CA ILE B 235 14.26 -6.78 17.01
C ILE B 235 15.14 -7.06 18.23
N LEU B 236 16.45 -7.02 18.02
CA LEU B 236 17.43 -7.25 19.08
C LEU B 236 18.25 -5.97 19.23
N MET B 237 18.21 -5.38 20.43
CA MET B 237 18.83 -4.09 20.67
C MET B 237 19.51 -4.08 22.04
N PRO B 238 20.76 -3.65 22.14
CA PRO B 238 21.44 -3.63 23.44
C PRO B 238 20.90 -2.53 24.33
N HIS B 239 21.21 -2.66 25.63
CA HIS B 239 20.81 -1.64 26.59
C HIS B 239 21.53 -0.32 26.32
N HIS B 240 22.86 -0.36 26.31
CA HIS B 240 23.66 0.84 26.08
C HIS B 240 23.84 1.09 24.59
N VAL B 241 24.08 2.36 24.26
CA VAL B 241 24.42 2.74 22.89
C VAL B 241 25.86 2.26 22.64
N GLU B 242 26.02 1.29 21.75
CA GLU B 242 27.31 0.65 21.54
C GLU B 242 27.31 0.02 20.15
N PRO B 243 28.49 -0.24 19.58
CA PRO B 243 28.53 -0.98 18.31
C PRO B 243 27.93 -2.37 18.47
N LEU B 244 27.24 -2.81 17.43
CA LEU B 244 26.51 -4.08 17.47
C LEU B 244 27.42 -5.30 17.37
N GLU B 245 28.74 -5.11 17.31
CA GLU B 245 29.66 -6.24 17.17
C GLU B 245 29.53 -7.19 18.36
N ARG B 246 29.31 -6.65 19.56
CA ARG B 246 29.16 -7.49 20.74
C ARG B 246 27.89 -8.35 20.64
N LEU B 247 26.76 -7.72 20.31
CA LEU B 247 25.52 -8.48 20.13
C LEU B 247 25.62 -9.44 18.96
N GLU B 248 26.33 -9.05 17.90
CA GLU B 248 26.52 -9.94 16.76
C GLU B 248 27.33 -11.18 17.11
N LYS B 249 28.10 -11.12 18.19
CA LYS B 249 28.84 -12.31 18.62
C LYS B 249 27.92 -13.32 19.28
N LEU B 250 27.08 -12.87 20.21
CA LEU B 250 26.12 -13.78 20.84
C LEU B 250 25.04 -14.25 19.87
N LEU B 251 24.81 -13.50 18.79
CA LEU B 251 23.75 -13.84 17.85
C LEU B 251 24.11 -15.14 17.12
N THR B 252 23.40 -16.22 17.44
CA THR B 252 23.43 -17.46 16.68
C THR B 252 22.00 -17.96 16.57
N LYS B 253 21.80 -18.94 15.68
CA LYS B 253 20.47 -19.54 15.58
C LYS B 253 20.12 -20.31 16.84
N GLU B 254 21.12 -20.84 17.54
CA GLU B 254 20.86 -21.51 18.80
C GLU B 254 20.53 -20.51 19.91
N GLN B 255 21.29 -19.43 19.99
CA GLN B 255 21.00 -18.39 20.97
C GLN B 255 19.65 -17.72 20.68
N LEU B 256 19.29 -17.61 19.40
CA LEU B 256 17.97 -17.09 19.04
C LEU B 256 16.87 -17.95 19.64
N LYS B 257 17.00 -19.27 19.50
CA LYS B 257 15.99 -20.17 20.06
C LYS B 257 15.94 -20.07 21.58
N ILE B 258 17.10 -19.88 22.22
CA ILE B 258 17.15 -19.68 23.66
C ILE B 258 16.40 -18.42 24.05
N TRP B 259 16.61 -17.33 23.28
CA TRP B 259 15.93 -16.08 23.57
C TRP B 259 14.44 -16.17 23.31
N MET B 260 14.04 -16.87 22.25
CA MET B 260 12.62 -17.05 21.97
C MET B 260 11.92 -17.83 23.07
N GLY B 261 12.60 -18.80 23.68
CA GLY B 261 11.99 -19.58 24.73
C GLY B 261 11.76 -18.77 26.00
N LYS B 262 12.59 -17.75 26.24
CA LYS B 262 12.46 -16.91 27.42
C LYS B 262 11.46 -15.78 27.26
N MET B 263 10.85 -15.64 26.09
CA MET B 263 9.98 -14.51 25.82
C MET B 263 8.57 -14.78 26.33
N GLN B 264 8.01 -13.80 27.04
CA GLN B 264 6.63 -13.85 27.50
C GLN B 264 5.92 -12.58 27.04
N LYS B 265 4.61 -12.70 26.82
CA LYS B 265 3.81 -11.57 26.36
C LYS B 265 3.64 -10.57 27.49
N LYS B 266 4.04 -9.32 27.25
CA LYS B 266 3.95 -8.26 28.25
C LYS B 266 3.58 -6.95 27.56
N ALA B 267 3.18 -5.98 28.38
CA ALA B 267 2.85 -4.65 27.87
C ALA B 267 4.15 -3.93 27.49
N VAL B 268 4.34 -3.71 26.19
CA VAL B 268 5.55 -3.09 25.66
C VAL B 268 5.15 -1.86 24.85
N ALA B 269 5.80 -0.74 25.13
CA ALA B 269 5.69 0.45 24.32
C ALA B 269 6.86 0.46 23.35
N ILE B 270 6.57 0.22 22.07
CA ILE B 270 7.60 0.12 21.04
C ILE B 270 7.68 1.43 20.27
N SER B 271 8.88 2.00 20.19
CA SER B 271 9.14 3.20 19.40
C SER B 271 10.22 2.87 18.38
N LEU B 272 9.91 3.06 17.11
CA LEU B 272 10.82 2.72 16.03
C LEU B 272 10.95 3.88 15.06
N PRO B 273 12.10 4.01 14.40
CA PRO B 273 12.23 5.00 13.32
C PRO B 273 11.25 4.71 12.20
N LYS B 274 10.74 5.77 11.59
CA LYS B 274 9.79 5.67 10.49
C LYS B 274 10.41 6.24 9.23
N GLY B 275 10.44 5.45 8.17
CA GLY B 275 11.01 5.89 6.92
C GLY B 275 11.45 4.72 6.07
N VAL B 276 11.99 5.05 4.91
CA VAL B 276 12.47 4.07 3.95
C VAL B 276 13.98 4.00 4.05
N VAL B 277 14.51 2.87 4.50
CA VAL B 277 15.94 2.66 4.60
C VAL B 277 16.41 2.02 3.28
N GLU B 278 17.21 2.77 2.53
CA GLU B 278 17.74 2.29 1.25
C GLU B 278 19.15 1.76 1.46
N VAL B 279 19.32 0.46 1.23
CA VAL B 279 20.60 -0.22 1.43
C VAL B 279 20.95 -0.97 0.16
N THR B 280 22.20 -0.82 -0.29
CA THR B 280 22.70 -1.54 -1.45
C THR B 280 24.00 -2.24 -1.08
N HIS B 281 24.05 -3.54 -1.33
CA HIS B 281 25.24 -4.34 -1.08
C HIS B 281 25.81 -4.86 -2.39
N ASP B 282 27.13 -5.04 -2.42
CA ASP B 282 27.82 -5.72 -3.52
C ASP B 282 28.40 -6.98 -2.91
N LEU B 283 27.64 -8.07 -3.00
CA LEU B 283 28.03 -9.34 -2.37
C LEU B 283 29.24 -9.99 -3.02
N GLN B 284 29.77 -9.44 -4.12
CA GLN B 284 30.86 -10.10 -4.84
C GLN B 284 32.08 -10.32 -3.96
N LYS B 285 32.32 -9.44 -2.99
CA LYS B 285 33.51 -9.55 -2.17
C LYS B 285 33.38 -10.67 -1.14
N HIS B 286 32.25 -10.71 -0.43
CA HIS B 286 32.07 -11.68 0.63
C HIS B 286 31.60 -13.04 0.14
N LEU B 287 31.02 -13.11 -1.06
CA LEU B 287 30.72 -14.41 -1.65
C LEU B 287 32.00 -15.17 -1.98
N ALA B 288 33.07 -14.46 -2.35
CA ALA B 288 34.37 -15.11 -2.48
C ALA B 288 34.92 -15.52 -1.13
N GLY B 289 34.65 -14.73 -0.09
CA GLY B 289 35.05 -15.08 1.26
C GLY B 289 34.34 -16.30 1.81
N LEU B 290 33.36 -16.83 1.10
CA LEU B 290 32.67 -18.06 1.50
C LEU B 290 32.91 -19.20 0.53
N GLY B 291 33.66 -18.99 -0.54
CA GLY B 291 34.01 -20.07 -1.44
C GLY B 291 33.89 -19.76 -2.92
N LEU B 292 33.06 -18.77 -3.27
CA LEU B 292 32.79 -18.44 -4.68
C LEU B 292 33.94 -17.59 -5.21
N THR B 293 35.05 -18.25 -5.51
CA THR B 293 36.27 -17.57 -5.95
C THR B 293 36.51 -17.66 -7.46
N GLU B 294 35.92 -18.64 -8.14
CA GLU B 294 36.22 -18.83 -9.56
C GLU B 294 35.42 -17.88 -10.44
N ALA B 295 34.12 -17.75 -10.18
CA ALA B 295 33.23 -17.00 -11.06
C ALA B 295 33.51 -15.51 -11.06
N ILE B 296 34.16 -14.98 -10.02
CA ILE B 296 34.37 -13.54 -9.87
C ILE B 296 35.76 -13.12 -10.30
N ASP B 297 36.56 -14.03 -10.85
CA ASP B 297 37.90 -13.71 -11.33
C ASP B 297 37.90 -13.64 -12.85
N LYS B 298 38.53 -12.59 -13.38
CA LYS B 298 38.54 -12.38 -14.82
C LYS B 298 39.19 -13.54 -15.56
N ASN B 299 40.15 -14.21 -14.93
CA ASN B 299 40.93 -15.25 -15.61
C ASN B 299 40.28 -16.63 -15.49
N LYS B 300 40.15 -17.14 -14.27
CA LYS B 300 39.77 -18.53 -14.03
C LYS B 300 38.27 -18.76 -14.03
N ALA B 301 37.47 -17.80 -14.51
CA ALA B 301 36.03 -17.97 -14.53
C ALA B 301 35.60 -18.83 -15.71
N ASP B 302 34.57 -19.64 -15.50
CA ASP B 302 34.02 -20.54 -16.53
C ASP B 302 32.50 -20.38 -16.50
N LEU B 303 31.98 -19.42 -17.26
CA LEU B 303 30.54 -19.26 -17.42
C LEU B 303 30.14 -19.61 -18.84
N SER B 304 30.57 -20.79 -19.32
CA SER B 304 30.31 -21.18 -20.70
C SER B 304 28.84 -21.53 -20.95
N ARG B 305 28.10 -21.89 -19.90
CA ARG B 305 26.66 -22.10 -20.06
C ARG B 305 25.93 -20.77 -20.21
N MET B 306 26.45 -19.71 -19.58
CA MET B 306 25.83 -18.40 -19.70
C MET B 306 26.06 -17.81 -21.08
N SER B 307 27.31 -17.81 -21.55
CA SER B 307 27.66 -17.22 -22.83
C SER B 307 28.91 -17.89 -23.37
N GLY B 308 29.05 -17.84 -24.70
CA GLY B 308 30.26 -18.30 -25.34
C GLY B 308 31.38 -17.29 -25.38
N LYS B 309 31.18 -16.13 -24.76
CA LYS B 309 32.20 -15.08 -24.74
C LYS B 309 33.38 -15.54 -23.89
N LYS B 310 34.59 -15.35 -24.42
CA LYS B 310 35.79 -15.83 -23.76
C LYS B 310 36.06 -15.04 -22.48
N ASP B 311 36.32 -15.77 -21.39
CA ASP B 311 36.75 -15.19 -20.12
C ASP B 311 35.73 -14.23 -19.53
N LEU B 312 34.44 -14.52 -19.74
CA LEU B 312 33.39 -13.75 -19.09
C LEU B 312 33.26 -14.18 -17.63
N TYR B 313 33.21 -13.21 -16.73
CA TYR B 313 33.13 -13.47 -15.30
C TYR B 313 32.01 -12.65 -14.69
N LEU B 314 31.73 -12.94 -13.42
CA LEU B 314 30.70 -12.25 -12.65
C LEU B 314 31.39 -11.14 -11.86
N ALA B 315 31.22 -9.89 -12.32
CA ALA B 315 31.96 -8.79 -11.72
C ALA B 315 31.34 -8.32 -10.40
N SER B 316 30.01 -8.27 -10.33
CA SER B 316 29.35 -7.78 -9.12
C SER B 316 28.03 -8.51 -8.92
N VAL B 317 27.60 -8.56 -7.66
CA VAL B 317 26.31 -9.11 -7.26
C VAL B 317 25.63 -8.04 -6.42
N PHE B 318 24.75 -7.27 -7.03
CA PHE B 318 24.10 -6.15 -6.35
C PHE B 318 22.83 -6.63 -5.64
N HIS B 319 22.83 -6.52 -4.32
CA HIS B 319 21.70 -6.89 -3.46
C HIS B 319 21.16 -5.60 -2.86
N ALA B 320 20.20 -4.98 -3.55
CA ALA B 320 19.69 -3.67 -3.18
C ALA B 320 18.25 -3.78 -2.72
N THR B 321 17.96 -3.24 -1.53
CA THR B 321 16.65 -3.35 -0.91
C THR B 321 16.21 -1.99 -0.38
N ALA B 322 14.91 -1.72 -0.49
CA ALA B 322 14.27 -0.57 0.15
C ALA B 322 13.32 -1.11 1.22
N PHE B 323 13.66 -0.86 2.48
CA PHE B 323 12.93 -1.39 3.63
C PHE B 323 12.21 -0.23 4.31
N GLU B 324 10.89 -0.16 4.16
CA GLU B 324 10.10 0.95 4.66
C GLU B 324 9.50 0.59 6.02
N TRP B 325 9.84 1.37 7.03
CA TRP B 325 9.21 1.28 8.35
C TRP B 325 8.05 2.27 8.35
N ASP B 326 6.83 1.75 8.43
CA ASP B 326 5.62 2.56 8.40
C ASP B 326 4.68 2.14 9.51
N THR B 327 3.62 2.94 9.71
CA THR B 327 2.65 2.70 10.76
C THR B 327 1.52 1.78 10.35
N GLU B 328 1.29 1.61 9.05
CA GLU B 328 0.10 0.91 8.58
C GLU B 328 0.12 -0.56 9.00
N GLY B 329 -1.07 -1.14 9.04
CA GLY B 329 -1.22 -2.52 9.43
C GLY B 329 -2.69 -2.89 9.52
N ASN B 330 -2.95 -4.05 10.10
CA ASN B 330 -4.34 -4.48 10.27
C ASN B 330 -5.01 -3.63 11.33
N PRO B 331 -6.27 -3.23 11.12
CA PRO B 331 -6.98 -2.47 12.15
C PRO B 331 -7.16 -3.30 13.42
N PHE B 332 -7.16 -2.61 14.55
CA PHE B 332 -7.17 -3.24 15.87
C PHE B 332 -8.39 -2.76 16.63
N ASP B 333 -9.24 -3.70 17.06
CA ASP B 333 -10.41 -3.35 17.84
C ASP B 333 -10.00 -2.67 19.15
N GLN B 334 -10.82 -1.73 19.60
CA GLN B 334 -10.45 -0.91 20.75
C GLN B 334 -10.58 -1.68 22.06
N ASP B 335 -11.74 -2.24 22.33
CA ASP B 335 -12.01 -2.86 23.62
C ASP B 335 -11.34 -4.23 23.78
N ILE B 336 -10.33 -4.55 22.96
CA ILE B 336 -9.61 -5.81 23.12
C ILE B 336 -8.74 -5.75 24.37
N TYR B 337 -7.91 -4.72 24.48
CA TYR B 337 -7.02 -4.57 25.63
C TYR B 337 -7.75 -3.92 26.80
N GLY B 338 -7.33 -4.29 28.01
CA GLY B 338 -7.77 -3.60 29.20
C GLY B 338 -6.79 -2.49 29.55
N ARG B 339 -7.33 -1.38 30.06
CA ARG B 339 -6.48 -0.22 30.33
C ARG B 339 -5.44 -0.51 31.41
N GLU B 340 -5.77 -1.37 32.37
CA GLU B 340 -4.79 -1.73 33.40
C GLU B 340 -3.66 -2.57 32.82
N GLU B 341 -3.93 -3.30 31.74
CA GLU B 341 -2.92 -4.19 31.16
C GLU B 341 -1.75 -3.41 30.58
N LEU B 342 -1.95 -2.17 30.17
CA LEU B 342 -0.93 -1.36 29.53
C LEU B 342 -0.63 -0.08 30.31
N ARG B 343 -0.80 -0.13 31.64
CA ARG B 343 -0.66 1.09 32.43
C ARG B 343 0.79 1.53 32.52
N SER B 344 1.68 0.63 32.95
CA SER B 344 3.11 0.92 33.08
C SER B 344 3.88 -0.05 32.19
N PRO B 345 3.89 0.17 30.89
CA PRO B 345 4.52 -0.79 29.97
C PRO B 345 6.03 -0.70 30.01
N LYS B 346 6.67 -1.76 29.53
CA LYS B 346 8.10 -1.76 29.30
C LYS B 346 8.40 -0.95 28.04
N LEU B 347 9.54 -0.26 28.05
CA LEU B 347 9.94 0.59 26.95
C LEU B 347 10.91 -0.16 26.04
N PHE B 348 10.56 -0.24 24.75
CA PHE B 348 11.50 -0.64 23.72
C PHE B 348 11.80 0.58 22.85
N TYR B 349 12.58 1.49 23.41
CA TYR B 349 12.89 2.77 22.77
C TYR B 349 14.06 2.57 21.81
N ALA B 350 13.75 2.40 20.52
CA ALA B 350 14.78 2.10 19.52
C ALA B 350 15.32 3.39 18.91
N ASP B 351 16.05 4.14 19.74
CA ASP B 351 16.71 5.36 19.31
C ASP B 351 18.21 5.18 19.11
N HIS B 352 18.66 3.95 18.91
CA HIS B 352 20.06 3.65 18.65
C HIS B 352 20.13 2.33 17.90
N PRO B 353 21.27 2.02 17.27
CA PRO B 353 21.33 0.87 16.35
C PRO B 353 20.84 -0.43 16.98
N PHE B 354 20.23 -1.27 16.15
CA PHE B 354 19.69 -2.55 16.57
C PHE B 354 19.77 -3.54 15.41
N ILE B 355 19.58 -4.82 15.73
CA ILE B 355 19.51 -5.88 14.74
C ILE B 355 18.07 -6.37 14.66
N PHE B 356 17.61 -6.65 13.44
CA PHE B 356 16.26 -7.14 13.22
C PHE B 356 16.28 -8.28 12.23
N LEU B 357 15.20 -9.07 12.24
CA LEU B 357 15.04 -10.15 11.29
C LEU B 357 13.56 -10.44 11.13
N VAL B 358 13.20 -10.92 9.93
CA VAL B 358 11.82 -11.29 9.61
C VAL B 358 11.77 -12.80 9.44
N ARG B 359 10.79 -13.43 10.08
CA ARG B 359 10.70 -14.89 10.14
C ARG B 359 9.30 -15.32 9.70
N ASP B 360 9.25 -16.27 8.76
CA ASP B 360 7.99 -16.86 8.38
C ASP B 360 7.44 -17.72 9.53
N THR B 361 6.16 -17.53 9.85
CA THR B 361 5.59 -18.26 10.98
C THR B 361 5.27 -19.71 10.62
N GLN B 362 4.73 -19.94 9.42
CA GLN B 362 4.34 -21.28 9.00
C GLN B 362 5.57 -22.16 8.80
N SER B 363 6.39 -21.84 7.80
CA SER B 363 7.55 -22.66 7.47
C SER B 363 8.74 -22.44 8.41
N GLY B 364 8.71 -21.41 9.25
CA GLY B 364 9.80 -21.17 10.18
C GLY B 364 11.04 -20.64 9.49
N SER B 365 10.94 -20.39 8.19
CA SER B 365 12.10 -19.97 7.42
C SER B 365 12.39 -18.48 7.66
N LEU B 366 13.65 -18.12 7.43
CA LEU B 366 14.12 -16.77 7.65
C LEU B 366 14.00 -15.98 6.36
N LEU B 367 13.24 -14.88 6.38
CA LEU B 367 12.99 -14.09 5.20
C LEU B 367 13.85 -12.84 5.10
N PHE B 368 14.37 -12.34 6.22
CA PHE B 368 15.14 -11.11 6.20
C PHE B 368 16.04 -11.06 7.44
N ILE B 369 17.22 -10.50 7.27
CA ILE B 369 18.11 -10.16 8.38
C ILE B 369 18.83 -8.87 8.05
N GLY B 370 19.14 -8.09 9.08
CA GLY B 370 19.86 -6.86 8.87
C GLY B 370 19.94 -6.06 10.16
N ARG B 371 20.52 -4.87 10.01
CA ARG B 371 20.70 -3.96 11.14
C ARG B 371 20.51 -2.53 10.66
N LEU B 372 19.88 -1.72 11.50
CA LEU B 372 19.70 -0.29 11.22
C LEU B 372 20.71 0.48 12.04
N VAL B 373 21.81 0.88 11.40
CA VAL B 373 22.89 1.58 12.07
C VAL B 373 22.77 3.09 11.89
N ARG B 374 22.48 3.54 10.67
CA ARG B 374 22.30 4.97 10.41
C ARG B 374 21.04 5.16 9.57
N PRO B 375 20.12 6.03 10.01
CA PRO B 375 19.01 6.41 9.15
C PRO B 375 19.32 7.67 8.37
N LYS B 376 18.31 8.29 7.78
CA LYS B 376 18.51 9.54 7.06
C LYS B 376 17.20 10.34 6.99
N PRO C 3 14.57 -0.11 -24.27
CA PRO C 3 13.92 -0.70 -23.10
C PRO C 3 12.90 0.24 -22.46
N GLY C 4 13.11 1.55 -22.60
CA GLY C 4 12.19 2.53 -22.09
C GLY C 4 10.84 2.42 -22.75
N PRO C 5 9.76 2.50 -21.96
CA PRO C 5 8.42 2.37 -22.51
C PRO C 5 8.09 3.53 -23.44
N PRO C 6 7.17 3.36 -24.38
CA PRO C 6 6.81 4.46 -25.27
C PRO C 6 6.14 5.58 -24.49
N GLY C 7 6.30 6.80 -24.99
CA GLY C 7 5.79 7.97 -24.33
C GLY C 7 4.28 7.97 -24.18
N PRO C 8 3.76 8.85 -23.34
CA PRO C 8 2.31 8.99 -23.22
C PRO C 8 1.75 9.72 -24.42
N PRO C 9 0.45 9.59 -24.70
CA PRO C 9 -0.13 10.35 -25.79
C PRO C 9 -0.02 11.85 -25.55
N GLY C 10 0.11 12.60 -26.65
CA GLY C 10 0.25 14.03 -26.58
C GLY C 10 -0.99 14.70 -26.05
N PRO C 11 -0.91 16.00 -25.79
CA PRO C 11 -2.07 16.73 -25.25
C PRO C 11 -3.16 16.88 -26.31
N ARG C 12 -4.32 17.35 -25.83
CA ARG C 12 -5.42 17.63 -26.73
C ARG C 12 -5.08 18.83 -27.63
N GLY C 13 -5.58 18.80 -28.85
CA GLY C 13 -5.38 19.90 -29.77
C GLY C 13 -6.13 21.15 -29.32
N LEU C 14 -5.88 22.23 -30.06
CA LEU C 14 -6.55 23.49 -29.76
C LEU C 14 -8.04 23.38 -30.07
N PRO C 15 -8.88 24.05 -29.28
CA PRO C 15 -10.30 24.12 -29.62
C PRO C 15 -10.49 24.80 -30.97
N GLY C 16 -11.49 24.33 -31.73
CA GLY C 16 -11.76 24.84 -33.05
C GLY C 16 -12.09 26.31 -33.05
N PRO C 17 -12.03 26.93 -34.24
CA PRO C 17 -12.36 28.34 -34.32
C PRO C 17 -13.85 28.55 -34.17
N PRO C 18 -14.29 29.72 -33.72
CA PRO C 18 -15.72 30.00 -33.65
C PRO C 18 -16.36 29.96 -35.03
N GLY C 19 -17.66 29.65 -35.05
CA GLY C 19 -18.40 29.58 -36.29
C GLY C 19 -18.59 30.95 -36.92
N PRO C 20 -19.12 30.99 -38.13
CA PRO C 20 -19.37 32.26 -38.79
C PRO C 20 -20.50 33.02 -38.12
N PRO C 21 -20.55 34.35 -38.28
CA PRO C 21 -21.67 35.10 -37.73
C PRO C 21 -22.98 34.76 -38.45
N GLY C 22 -24.03 34.51 -37.67
CA GLY C 22 -25.31 34.15 -38.23
C GLY C 22 -26.04 35.32 -38.88
N PRO D 2 18.21 4.60 -21.96
CA PRO D 2 17.69 5.04 -23.26
C PRO D 2 16.18 5.29 -23.22
N PRO D 3 15.78 6.54 -23.41
CA PRO D 3 14.34 6.85 -23.40
C PRO D 3 13.62 6.18 -24.56
N GLY D 4 12.38 5.78 -24.32
CA GLY D 4 11.59 5.13 -25.32
C GLY D 4 11.13 6.07 -26.41
N PRO D 5 10.42 5.54 -27.39
CA PRO D 5 9.93 6.36 -28.49
C PRO D 5 8.84 7.31 -28.03
N PRO D 6 8.54 8.36 -28.79
CA PRO D 6 7.45 9.26 -28.41
C PRO D 6 6.10 8.54 -28.48
N GLY D 7 5.14 9.09 -27.73
CA GLY D 7 3.83 8.53 -27.69
C GLY D 7 3.03 8.85 -28.95
N PRO D 8 1.79 8.37 -28.99
CA PRO D 8 0.93 8.62 -30.15
C PRO D 8 0.38 10.03 -30.12
N PRO D 9 -0.21 10.50 -31.22
CA PRO D 9 -0.81 11.85 -31.21
C PRO D 9 -1.95 11.95 -30.20
N GLY D 10 -2.18 13.17 -29.73
CA GLY D 10 -3.23 13.41 -28.78
C GLY D 10 -4.60 13.48 -29.44
N PRO D 11 -5.63 13.65 -28.61
CA PRO D 11 -6.99 13.74 -29.15
C PRO D 11 -7.23 15.09 -29.82
N ARG D 12 -8.20 15.09 -30.73
CA ARG D 12 -8.56 16.30 -31.44
C ARG D 12 -9.23 17.29 -30.48
N GLY D 13 -8.98 18.57 -30.71
CA GLY D 13 -9.51 19.60 -29.84
C GLY D 13 -11.03 19.68 -29.88
N LEU D 14 -11.57 20.43 -28.94
CA LEU D 14 -13.01 20.60 -28.86
C LEU D 14 -13.53 21.39 -30.06
N PRO D 15 -14.77 21.16 -30.46
CA PRO D 15 -15.37 22.01 -31.52
C PRO D 15 -15.48 23.45 -31.05
N GLY D 16 -15.37 24.36 -32.00
CA GLY D 16 -15.42 25.78 -31.71
C GLY D 16 -16.76 26.22 -31.17
N PRO D 17 -16.78 27.37 -30.50
CA PRO D 17 -18.05 27.91 -30.02
C PRO D 17 -18.89 28.43 -31.18
N PRO D 18 -20.19 28.62 -30.98
CA PRO D 18 -21.02 29.17 -32.07
C PRO D 18 -20.59 30.59 -32.41
N GLY D 19 -20.88 30.99 -33.64
CA GLY D 19 -20.55 32.31 -34.10
C GLY D 19 -21.39 33.37 -33.42
N PRO D 20 -21.01 34.64 -33.59
CA PRO D 20 -21.78 35.73 -33.00
C PRO D 20 -23.10 35.92 -33.74
N PRO D 21 -24.07 36.59 -33.12
CA PRO D 21 -25.33 36.86 -33.83
C PRO D 21 -25.09 37.76 -35.04
N GLY D 22 -25.99 37.65 -36.01
CA GLY D 22 -25.89 38.41 -37.24
C GLY D 22 -26.06 39.90 -37.05
N PRO E 2 13.84 5.12 -19.04
CA PRO E 2 12.80 6.13 -18.82
C PRO E 2 11.76 6.16 -19.93
N PRO E 3 10.54 6.59 -19.62
CA PRO E 3 9.50 6.62 -20.65
C PRO E 3 9.80 7.66 -21.71
N GLY E 4 9.30 7.41 -22.92
CA GLY E 4 9.45 8.32 -24.02
C GLY E 4 8.74 9.64 -23.77
N PRO E 5 8.98 10.63 -24.63
CA PRO E 5 8.33 11.93 -24.46
C PRO E 5 6.90 11.87 -24.92
N PRO E 6 6.05 12.80 -24.47
CA PRO E 6 4.67 12.83 -24.96
C PRO E 6 4.61 13.01 -26.47
N GLY E 7 3.60 12.39 -27.08
CA GLY E 7 3.43 12.48 -28.50
C GLY E 7 3.05 13.89 -28.95
N PRO E 8 2.80 14.03 -30.24
CA PRO E 8 2.43 15.35 -30.76
C PRO E 8 1.02 15.71 -30.33
N PRO E 9 0.70 17.01 -30.24
CA PRO E 9 -0.68 17.39 -29.93
C PRO E 9 -1.63 16.98 -31.03
N GLY E 10 -2.88 16.73 -30.65
CA GLY E 10 -3.90 16.35 -31.60
C GLY E 10 -4.25 17.49 -32.54
N PRO E 11 -5.01 17.17 -33.58
CA PRO E 11 -5.43 18.22 -34.52
C PRO E 11 -6.41 19.19 -33.85
N ARG E 12 -6.41 20.42 -34.33
CA ARG E 12 -7.33 21.42 -33.81
C ARG E 12 -8.77 21.01 -34.09
N GLY E 13 -9.65 21.30 -33.14
CA GLY E 13 -11.04 20.92 -33.26
C GLY E 13 -11.71 21.55 -34.47
N LEU E 14 -12.92 21.05 -34.74
CA LEU E 14 -13.70 21.52 -35.86
C LEU E 14 -14.24 22.92 -35.59
N PRO E 15 -14.51 23.69 -36.64
CA PRO E 15 -15.11 25.01 -36.43
C PRO E 15 -16.50 24.91 -35.82
N GLY E 16 -16.89 25.95 -35.09
CA GLY E 16 -18.17 25.98 -34.44
C GLY E 16 -19.32 26.15 -35.42
N PRO E 17 -20.54 26.00 -34.93
CA PRO E 17 -21.71 26.20 -35.78
C PRO E 17 -21.96 27.67 -36.04
N PRO E 18 -22.71 28.02 -37.08
CA PRO E 18 -23.02 29.42 -37.32
C PRO E 18 -23.88 30.00 -36.21
N GLY E 19 -23.76 31.31 -36.02
CA GLY E 19 -24.50 31.98 -34.97
C GLY E 19 -25.96 32.17 -35.32
N PRO E 20 -26.69 32.82 -34.41
CA PRO E 20 -28.11 33.07 -34.64
C PRO E 20 -28.31 34.29 -35.52
N PRO E 21 -29.47 34.39 -36.21
CA PRO E 21 -29.80 35.55 -37.03
C PRO E 21 -30.68 36.55 -36.30
N PRO F 2 -15.06 10.06 23.71
CA PRO F 2 -14.25 9.13 22.94
C PRO F 2 -12.87 9.70 22.59
N PRO F 3 -12.03 9.92 23.61
CA PRO F 3 -10.76 10.62 23.38
C PRO F 3 -9.79 9.74 22.59
N GLY F 4 -8.72 10.39 22.12
CA GLY F 4 -7.67 9.70 21.42
C GLY F 4 -6.86 8.83 22.35
N PRO F 5 -5.93 8.06 21.80
CA PRO F 5 -5.12 7.17 22.62
C PRO F 5 -4.14 7.96 23.47
N PRO F 6 -3.56 7.34 24.51
CA PRO F 6 -2.49 8.02 25.26
C PRO F 6 -1.32 8.37 24.35
N GLY F 7 -0.61 9.42 24.71
CA GLY F 7 0.48 9.91 23.91
C GLY F 7 1.65 8.96 23.86
N PRO F 8 2.64 9.27 23.02
CA PRO F 8 3.85 8.44 22.95
C PRO F 8 4.69 8.62 24.20
N PRO F 9 5.62 7.70 24.48
CA PRO F 9 6.53 7.90 25.61
C PRO F 9 7.38 9.14 25.40
N GLY F 10 7.78 9.76 26.51
CA GLY F 10 8.61 10.94 26.47
C GLY F 10 9.98 10.65 25.88
N PRO F 11 10.78 11.70 25.69
CA PRO F 11 12.12 11.51 25.15
C PRO F 11 13.05 10.91 26.19
N ARG F 12 14.20 10.43 25.72
CA ARG F 12 15.21 9.91 26.62
C ARG F 12 15.77 11.04 27.49
N GLY F 13 16.04 10.72 28.75
CA GLY F 13 16.61 11.70 29.64
C GLY F 13 18.02 12.12 29.23
N LEU F 14 18.54 13.10 29.96
CA LEU F 14 19.88 13.59 29.68
C LEU F 14 20.91 12.54 30.05
N PRO F 15 22.08 12.55 29.39
CA PRO F 15 23.18 11.68 29.82
C PRO F 15 23.63 12.04 31.23
N GLY F 16 24.08 11.02 31.96
CA GLY F 16 24.49 11.19 33.33
C GLY F 16 25.71 12.07 33.48
N PRO F 17 25.96 12.54 34.70
CA PRO F 17 27.14 13.37 34.94
C PRO F 17 28.41 12.55 34.81
N PRO F 18 29.53 13.18 34.45
CA PRO F 18 30.79 12.43 34.34
C PRO F 18 31.22 11.91 35.70
N GLY F 19 31.88 10.75 35.68
CA GLY F 19 32.38 10.15 36.89
C GLY F 19 33.51 10.96 37.49
N PRO F 20 33.93 10.58 38.71
CA PRO F 20 35.03 11.31 39.35
C PRO F 20 36.33 11.10 38.58
N PRO F 21 37.25 12.06 38.64
CA PRO F 21 38.56 11.85 38.01
C PRO F 21 39.47 11.00 38.88
N GLY F 22 40.77 11.22 38.78
CA GLY F 22 41.73 10.47 39.57
C GLY F 22 41.78 9.00 39.22
N PRO G 2 -11.17 15.29 21.55
CA PRO G 2 -10.52 15.34 22.85
C PRO G 2 -9.19 14.59 22.86
N PRO G 3 -8.08 15.31 23.03
CA PRO G 3 -6.77 14.66 23.08
C PRO G 3 -6.67 13.73 24.28
N GLY G 4 -6.02 12.58 24.08
CA GLY G 4 -5.88 11.60 25.11
C GLY G 4 -4.92 12.05 26.20
N PRO G 5 -4.70 11.17 27.17
CA PRO G 5 -3.81 11.50 28.28
C PRO G 5 -2.35 11.48 27.84
N PRO G 6 -1.45 12.13 28.58
CA PRO G 6 -0.03 12.10 28.21
C PRO G 6 0.53 10.69 28.24
N GLY G 7 1.63 10.51 27.52
CA GLY G 7 2.27 9.22 27.44
C GLY G 7 3.08 8.91 28.69
N PRO G 8 3.66 7.71 28.71
CA PRO G 8 4.50 7.32 29.84
C PRO G 8 5.83 8.08 29.82
N PRO G 9 6.56 8.07 30.93
CA PRO G 9 7.89 8.71 30.92
C PRO G 9 8.82 8.02 29.93
N GLY G 10 9.76 8.81 29.39
CA GLY G 10 10.73 8.29 28.47
C GLY G 10 11.76 7.43 29.17
N PRO G 11 12.64 6.83 28.37
CA PRO G 11 13.70 6.00 28.96
C PRO G 11 14.71 6.83 29.71
N ARG G 12 15.38 6.17 30.66
CA ARG G 12 16.46 6.81 31.40
C ARG G 12 17.62 7.13 30.46
N GLY G 13 18.25 8.27 30.68
CA GLY G 13 19.37 8.68 29.86
C GLY G 13 20.55 7.73 29.99
N LEU G 14 21.51 7.90 29.08
CA LEU G 14 22.69 7.06 29.08
C LEU G 14 23.53 7.32 30.33
N PRO G 15 24.23 6.31 30.83
CA PRO G 15 25.12 6.54 31.97
C PRO G 15 26.26 7.48 31.59
N GLY G 16 26.71 8.25 32.57
CA GLY G 16 27.74 9.24 32.35
C GLY G 16 29.03 8.65 31.84
N PRO G 17 29.85 9.48 31.21
CA PRO G 17 31.17 9.01 30.73
C PRO G 17 32.12 8.84 31.90
N PRO G 18 33.18 8.05 31.73
CA PRO G 18 34.17 7.92 32.80
C PRO G 18 34.92 9.22 33.03
N GLY G 19 35.28 9.46 34.28
CA GLY G 19 36.00 10.65 34.66
C GLY G 19 37.33 10.76 33.95
N PRO G 20 37.87 11.98 33.87
CA PRO G 20 39.16 12.18 33.21
C PRO G 20 40.28 11.46 33.95
N PRO G 21 41.39 11.16 33.27
CA PRO G 21 42.50 10.49 33.95
C PRO G 21 43.12 11.37 35.02
N GLY G 22 43.62 10.73 36.08
CA GLY G 22 44.23 11.43 37.18
C GLY G 22 45.60 12.01 36.86
N PRO H 2 -7.43 13.27 18.88
CA PRO H 2 -5.99 13.12 18.60
C PRO H 2 -5.26 12.40 19.72
N PRO H 3 -4.09 11.82 19.42
CA PRO H 3 -3.27 11.25 20.48
C PRO H 3 -2.84 12.32 21.47
N GLY H 4 -2.66 11.89 22.73
CA GLY H 4 -2.22 12.78 23.77
C GLY H 4 -0.80 13.27 23.53
N PRO H 5 -0.35 14.21 24.35
CA PRO H 5 1.00 14.73 24.21
C PRO H 5 2.02 13.69 24.66
N PRO H 6 3.25 13.77 24.18
CA PRO H 6 4.29 12.85 24.67
C PRO H 6 4.51 13.04 26.17
N GLY H 7 4.87 11.94 26.84
CA GLY H 7 5.05 11.96 28.26
C GLY H 7 6.24 12.79 28.68
N PRO H 8 6.50 12.82 29.98
CA PRO H 8 7.65 13.58 30.49
C PRO H 8 8.94 12.89 30.10
N PRO H 9 10.04 13.64 30.01
CA PRO H 9 11.34 13.00 29.70
C PRO H 9 11.77 12.09 30.84
N GLY H 10 12.53 11.07 30.47
CA GLY H 10 13.04 10.12 31.43
C GLY H 10 14.03 10.75 32.39
N PRO H 11 14.40 10.03 33.43
CA PRO H 11 15.36 10.56 34.40
C PRO H 11 16.75 10.66 33.79
N ARG H 12 17.56 11.53 34.39
CA ARG H 12 18.95 11.66 33.98
C ARG H 12 19.70 10.36 34.20
N GLY H 13 20.59 10.03 33.28
CA GLY H 13 21.35 8.80 33.37
C GLY H 13 22.20 8.73 34.63
N LEU H 14 22.69 7.52 34.90
CA LEU H 14 23.52 7.31 36.08
C LEU H 14 24.87 8.00 35.91
N PRO H 15 25.51 8.40 37.01
CA PRO H 15 26.86 8.95 36.92
C PRO H 15 27.83 7.91 36.40
N GLY H 16 28.86 8.39 35.70
CA GLY H 16 29.84 7.52 35.12
C GLY H 16 30.78 6.93 36.17
N PRO H 17 31.65 6.04 35.72
CA PRO H 17 32.62 5.42 36.64
C PRO H 17 33.81 6.33 36.86
N PRO H 18 34.61 6.08 37.91
CA PRO H 18 35.82 6.87 38.12
C PRO H 18 36.81 6.69 36.98
N GLY H 19 37.84 7.54 36.99
CA GLY H 19 38.82 7.55 35.92
C GLY H 19 40.13 6.90 36.31
N PRO H 20 40.98 6.65 35.30
CA PRO H 20 42.29 6.05 35.57
C PRO H 20 43.24 7.08 36.18
N PRO H 21 44.40 6.65 36.69
CA PRO H 21 45.38 7.62 37.21
C PRO H 21 46.12 8.35 36.09
#